data_7LJD
#
_entry.id   7LJD
#
_cell.length_a   1.00
_cell.length_b   1.00
_cell.length_c   1.00
_cell.angle_alpha   90.00
_cell.angle_beta   90.00
_cell.angle_gamma   90.00
#
_symmetry.space_group_name_H-M   'P 1'
#
loop_
_entity.id
_entity.type
_entity.pdbx_description
1 polymer 'D(1A) dopamine receptor'
2 polymer 'Engineered Gs protein alpha subunit'
3 polymer 'Guanine nucleotide-binding protein G(I)/G(S)/G(T) subunit beta-1'
4 polymer 'Guanine nucleotide-binding protein G(I)/G(S)/G(O) subunit gamma-2'
5 polymer 'Nanobody 35'
6 non-polymer L-DOPAMINE
7 non-polymer 2-[2,6-bis(chloranyl)phenyl]-1-[(1S,3R)-3-(hydroxymethyl)-1-methyl-5-(3-methyl-3-oxidanyl-butyl)-3,4-dihydro-1H-isoquinolin-2-yl]ethanone
8 non-polymer CHOLESTEROL
9 non-polymer 'PALMITIC ACID'
#
loop_
_entity_poly.entity_id
_entity_poly.type
_entity_poly.pdbx_seq_one_letter_code
_entity_poly.pdbx_strand_id
1 'polypeptide(L)'
;DYKDDDDVDMGQPGNGSAFLLAPNGSHAPDHDVTQQRDEENLYFQGASMRTLNTSAMDGTGLVVERDFSVRILTACFLSL
LILSTLLGNTLVCAAVIRFRHLRSKVTNFFVISLAVSDLLVAVLVMPWKAVAEIAGFWPFGSFCNIWVAFDIMCSTASIL
NLCVISVDRYWAISSPFRYERKMTPKAAFILISVAWTLSVLISFIPVQLSWHKAKPTSPSDGNATSLAETIDNCDSSLSR
TYAISSSVISFYIPVAIMIVTYTRIYRIAQKQIRRIAALERAAVHAKNCQTTTGNGKPVECSQPESSFKMSFKRETKVLK
TLSVIMGVFVCCWLPFFILNCILPFCGSGETQPFCIDSNTFDVFVWFGWANSSLNPIIYAFNADFRKAFSTLLGCYRLCP
ATNNAIETVSINNNGAAMFSSHHEPRGSISKECNLVYLIPHAVGSSEDLKKEEAAGIARPLEKLSPALSVILDYDTDVSL
EKIQPITQNGQHPTHHHHHHHH
;
R
2 'polypeptide(L)'
;MGCLGNSKTEDQRNEEKAQREANKMIEKQLQKDKQVYRATHRLLLLGADNSGKSTIVKQMRIYHVNSGIFETKFQVDKVN
FHMFDVGAQRDERRKWIQCFNDVTAIIFVVDSSDYNRLQEALNDFKSIWNNKWLRTISVILFLNKQDLLAEKVLAGKSKI
EDYFPEFARYTTPEDATPEPGEDPRVTRAKYFIRDEFLRISTASGDGRHYCYPHFTCSVDTENARRIFNDCRDIIQRMHL
RQYELL
;
A
3 'polypeptide(L)'
;HHHHHHHHMGSLLQSELDQLRQEAEQLKNQIRDARKACADATLSQITNNIDPVGRIQMRTRRTLRGHLAKIYAMHWGTDS
RLLVSASQDGKLIIWDSYTTNKVHAIPLRSSWVMTCAYAPSGNYVACGGLDNICSIYNLKTREGNVRVSRELAGHTGYLS
CCRFLDDNQIVTSSGDTTCALWDIETGQQTTTFTGHTGDVMSLSLAPDTRLFVSGACDASAKLWDVREGMCRQTFTGHES
DINAICFFPNGNAFATGSDDATCRLFDLRADQELMTYSHDNIICGITSVSFSKSGRLLLAGYDDFNCNVWDALKADRAGV
LAGHDNRVSCLGVTDDGMAVATGSWDSFLKIWN
;
B
4 'polypeptide(L)' ASNNTASIAQARKLVEQLKMEANIDRIKVSKAAADLMAYCEAHAKEDPLLTPVPASENPFREKKFFC G
5 'polypeptide(L)'
;MQVQLQESGGGLVQPGGSLRLSCAASGFTFSNYKMNWVRQAPGKGLEWVSDISQSGASISYTGSVKGRFTISRDNAKNTL
YLQMNSLKPEDTAVYYCARCPAPFTRDCFDVTSTTYAYRGQGTQVTVSSHHHHHH
;
N
#
# COMPACT_ATOMS: atom_id res chain seq x y z
N SER A 69 41.40 -14.73 -42.87
CA SER A 69 41.22 -13.31 -43.11
C SER A 69 39.86 -12.83 -42.62
N VAL A 70 38.81 -13.17 -43.38
CA VAL A 70 37.45 -12.79 -42.99
C VAL A 70 36.83 -13.81 -42.04
N ARG A 71 37.57 -14.88 -41.73
CA ARG A 71 37.07 -15.89 -40.81
C ARG A 71 37.23 -15.45 -39.36
N ILE A 72 38.36 -14.80 -39.05
CA ILE A 72 38.63 -14.23 -37.73
C ILE A 72 37.51 -13.29 -37.30
N LEU A 73 37.19 -12.32 -38.16
CA LEU A 73 36.12 -11.35 -37.89
C LEU A 73 34.76 -12.03 -37.71
N THR A 74 34.43 -12.95 -38.62
CA THR A 74 33.14 -13.66 -38.59
C THR A 74 32.99 -14.51 -37.33
N ALA A 75 34.10 -15.11 -36.86
CA ALA A 75 34.08 -15.93 -35.65
C ALA A 75 33.69 -15.12 -34.41
N CYS A 76 34.13 -13.86 -34.34
CA CYS A 76 33.82 -13.02 -33.19
C CYS A 76 32.32 -12.68 -33.12
N PHE A 77 31.70 -12.35 -34.25
CA PHE A 77 30.28 -12.01 -34.27
C PHE A 77 29.39 -13.20 -33.89
N LEU A 78 29.70 -14.38 -34.44
CA LEU A 78 28.94 -15.59 -34.10
C LEU A 78 29.12 -15.97 -32.63
N SER A 79 30.34 -15.84 -32.11
CA SER A 79 30.59 -16.21 -30.71
C SER A 79 29.89 -15.26 -29.74
N LEU A 80 29.90 -13.95 -30.04
CA LEU A 80 29.16 -12.99 -29.23
C LEU A 80 27.66 -13.23 -29.28
N LEU A 81 27.13 -13.62 -30.45
CA LEU A 81 25.71 -13.90 -30.61
C LEU A 81 25.26 -15.06 -29.73
N ILE A 82 26.03 -16.16 -29.75
CA ILE A 82 25.76 -17.32 -28.89
C ILE A 82 25.81 -16.92 -27.41
N LEU A 83 26.86 -16.20 -27.01
CA LEU A 83 27.04 -15.80 -25.62
C LEU A 83 25.94 -14.84 -25.15
N SER A 84 25.55 -13.90 -26.02
CA SER A 84 24.45 -12.98 -25.70
C SER A 84 23.16 -13.73 -25.43
N THR A 85 22.84 -14.71 -26.28
CA THR A 85 21.60 -15.46 -26.15
C THR A 85 21.61 -16.33 -24.90
N LEU A 86 22.73 -17.02 -24.65
CA LEU A 86 22.94 -17.76 -23.41
C LEU A 86 22.78 -16.89 -22.16
N LEU A 87 23.45 -15.73 -22.14
CA LEU A 87 23.41 -14.81 -21.01
C LEU A 87 22.00 -14.39 -20.62
N GLY A 88 21.26 -13.81 -21.58
CA GLY A 88 19.95 -13.25 -21.27
C GLY A 88 18.92 -14.28 -20.84
N ASN A 89 18.86 -15.40 -21.55
CA ASN A 89 17.94 -16.48 -21.21
C ASN A 89 18.23 -17.08 -19.83
N THR A 90 19.51 -17.25 -19.48
CA THR A 90 19.89 -17.76 -18.16
C THR A 90 19.41 -16.82 -17.05
N LEU A 91 19.63 -15.52 -17.23
CA LEU A 91 19.24 -14.53 -16.23
C LEU A 91 17.73 -14.51 -16.01
N VAL A 92 16.95 -14.63 -17.08
CA VAL A 92 15.49 -14.63 -16.97
C VAL A 92 14.99 -15.87 -16.23
N CYS A 93 15.56 -17.04 -16.53
CA CYS A 93 15.16 -18.28 -15.86
C CYS A 93 15.54 -18.28 -14.38
N ALA A 94 16.79 -17.91 -14.08
CA ALA A 94 17.26 -17.79 -12.70
C ALA A 94 16.41 -16.82 -11.87
N ALA A 95 16.15 -15.61 -12.40
CA ALA A 95 15.36 -14.61 -11.69
C ALA A 95 13.96 -15.09 -11.32
N VAL A 96 13.33 -15.87 -12.20
CA VAL A 96 11.98 -16.32 -11.90
C VAL A 96 11.99 -17.45 -10.86
N ILE A 97 13.03 -18.30 -10.87
CA ILE A 97 13.15 -19.35 -9.87
C ILE A 97 13.42 -18.77 -8.49
N ARG A 98 14.28 -17.75 -8.42
CA ARG A 98 14.72 -17.21 -7.14
C ARG A 98 13.83 -16.10 -6.60
N PHE A 99 12.64 -15.89 -7.18
CA PHE A 99 11.68 -14.92 -6.68
C PHE A 99 10.27 -15.48 -6.84
N ARG A 100 9.52 -15.50 -5.74
CA ARG A 100 8.19 -16.09 -5.74
C ARG A 100 7.16 -15.18 -6.42
N HIS A 101 7.31 -13.85 -6.25
CA HIS A 101 6.35 -12.92 -6.85
C HIS A 101 6.42 -12.93 -8.37
N LEU A 102 7.59 -13.21 -8.96
CA LEU A 102 7.68 -13.51 -10.39
C LEU A 102 7.07 -14.86 -10.80
N ARG A 103 6.45 -15.60 -9.86
CA ARG A 103 5.78 -16.86 -10.19
C ARG A 103 4.32 -16.86 -9.77
N SER A 104 3.83 -15.79 -9.13
CA SER A 104 2.44 -15.74 -8.72
C SER A 104 1.53 -15.26 -9.84
N LYS A 105 2.02 -14.35 -10.67
CA LYS A 105 1.25 -13.92 -11.84
C LYS A 105 1.21 -15.04 -12.88
N VAL A 106 0.03 -15.26 -13.46
CA VAL A 106 -0.15 -16.32 -14.45
C VAL A 106 0.49 -15.92 -15.78
N THR A 107 0.66 -14.62 -16.01
CA THR A 107 1.28 -14.12 -17.24
C THR A 107 2.74 -14.55 -17.35
N ASN A 108 3.49 -14.48 -16.25
CA ASN A 108 4.92 -14.80 -16.25
C ASN A 108 5.22 -16.28 -16.48
N PHE A 109 4.20 -17.16 -16.39
CA PHE A 109 4.38 -18.57 -16.76
C PHE A 109 4.77 -18.70 -18.23
N PHE A 110 4.20 -17.87 -19.09
CA PHE A 110 4.46 -17.94 -20.52
C PHE A 110 5.88 -17.48 -20.85
N VAL A 111 6.35 -16.44 -20.14
CA VAL A 111 7.72 -15.95 -20.31
C VAL A 111 8.74 -17.01 -19.84
N ILE A 112 8.35 -17.90 -18.92
CA ILE A 112 9.19 -19.05 -18.58
C ILE A 112 9.33 -19.97 -19.78
N SER A 113 8.20 -20.31 -20.43
CA SER A 113 8.22 -21.13 -21.64
C SER A 113 9.00 -20.48 -22.77
N LEU A 114 8.99 -19.15 -22.86
CA LEU A 114 9.72 -18.47 -23.92
C LEU A 114 11.20 -18.34 -23.59
N ALA A 115 11.55 -18.33 -22.30
CA ALA A 115 12.96 -18.36 -21.92
C ALA A 115 13.57 -19.74 -22.05
N VAL A 116 12.78 -20.81 -21.86
CA VAL A 116 13.31 -22.16 -22.03
C VAL A 116 13.51 -22.47 -23.51
N SER A 117 12.52 -22.11 -24.35
CA SER A 117 12.63 -22.30 -25.80
C SER A 117 13.80 -21.54 -26.39
N ASP A 118 14.01 -20.29 -25.96
CA ASP A 118 15.13 -19.50 -26.48
C ASP A 118 16.47 -20.02 -25.98
N LEU A 119 16.50 -20.68 -24.82
CA LEU A 119 17.74 -21.21 -24.28
C LEU A 119 18.12 -22.54 -24.93
N LEU A 120 17.14 -23.31 -25.40
CA LEU A 120 17.44 -24.51 -26.17
C LEU A 120 18.10 -24.19 -27.50
N VAL A 121 17.82 -23.02 -28.07
CA VAL A 121 18.45 -22.61 -29.31
C VAL A 121 19.95 -22.37 -29.10
N ALA A 122 20.28 -21.53 -28.11
CA ALA A 122 21.67 -21.22 -27.79
C ALA A 122 22.46 -22.45 -27.36
N VAL A 123 21.85 -23.33 -26.56
CA VAL A 123 22.60 -24.47 -26.02
C VAL A 123 22.82 -25.55 -27.08
N LEU A 124 21.83 -25.79 -27.94
CA LEU A 124 21.82 -27.01 -28.74
C LEU A 124 21.73 -26.79 -30.25
N VAL A 125 21.34 -25.61 -30.71
CA VAL A 125 21.15 -25.34 -32.13
C VAL A 125 22.23 -24.42 -32.68
N MET A 126 22.51 -23.32 -31.96
CA MET A 126 23.53 -22.36 -32.40
C MET A 126 24.98 -22.86 -32.46
N PRO A 127 25.54 -23.60 -31.47
CA PRO A 127 26.98 -23.91 -31.55
C PRO A 127 27.41 -24.80 -32.71
N TRP A 128 26.73 -25.94 -32.90
CA TRP A 128 27.09 -26.90 -33.95
C TRP A 128 27.07 -26.29 -35.35
N LYS A 129 26.03 -25.50 -35.66
CA LYS A 129 26.01 -24.78 -36.93
C LYS A 129 27.15 -23.76 -37.04
N ALA A 130 27.46 -23.09 -35.93
CA ALA A 130 28.57 -22.13 -35.90
C ALA A 130 29.91 -22.80 -36.16
N VAL A 131 30.16 -23.95 -35.51
CA VAL A 131 31.40 -24.72 -35.70
C VAL A 131 31.54 -25.16 -37.15
N ALA A 132 30.44 -25.62 -37.75
CA ALA A 132 30.46 -26.10 -39.13
C ALA A 132 30.74 -24.96 -40.12
N GLU A 133 30.21 -23.77 -39.85
CA GLU A 133 30.41 -22.64 -40.74
C GLU A 133 31.86 -22.14 -40.71
N ILE A 134 32.44 -22.02 -39.50
CA ILE A 134 33.84 -21.62 -39.36
C ILE A 134 34.77 -22.64 -39.99
N ALA A 135 34.51 -23.92 -39.78
CA ALA A 135 35.44 -24.95 -40.25
C ALA A 135 35.23 -25.25 -41.73
N GLY A 136 33.97 -25.21 -42.20
CA GLY A 136 33.64 -25.43 -43.59
C GLY A 136 32.92 -26.74 -43.84
N PHE A 137 33.26 -27.77 -43.10
CA PHE A 137 32.67 -29.09 -43.25
C PHE A 137 31.77 -29.41 -42.06
N TRP A 138 31.10 -30.57 -42.14
CA TRP A 138 30.25 -31.04 -41.06
C TRP A 138 30.98 -32.13 -40.30
N PRO A 139 31.16 -31.99 -38.98
CA PRO A 139 32.05 -32.91 -38.24
C PRO A 139 31.55 -34.34 -38.10
N PHE A 140 30.28 -34.54 -37.73
CA PHE A 140 29.73 -35.86 -37.49
C PHE A 140 28.47 -36.01 -38.32
N GLY A 141 28.54 -36.85 -39.36
CA GLY A 141 27.50 -36.89 -40.38
C GLY A 141 26.18 -37.47 -39.92
N SER A 142 26.21 -38.37 -38.94
CA SER A 142 24.98 -38.95 -38.41
C SER A 142 24.15 -37.91 -37.66
N PHE A 143 24.82 -37.00 -36.94
CA PHE A 143 24.18 -35.95 -36.16
C PHE A 143 23.39 -34.94 -37.02
N CYS A 144 23.51 -34.99 -38.35
CA CYS A 144 22.80 -34.03 -39.20
C CYS A 144 21.30 -34.28 -39.19
N ASN A 145 20.89 -35.56 -39.26
CA ASN A 145 19.47 -35.90 -39.23
C ASN A 145 18.82 -35.49 -37.90
N ILE A 146 19.55 -35.66 -36.80
CA ILE A 146 19.03 -35.31 -35.48
C ILE A 146 18.98 -33.79 -35.30
N TRP A 147 20.03 -33.09 -35.75
CA TRP A 147 20.10 -31.62 -35.66
C TRP A 147 18.91 -30.93 -36.32
N VAL A 148 18.50 -31.39 -37.50
CA VAL A 148 17.35 -30.83 -38.21
C VAL A 148 16.08 -30.89 -37.36
N ALA A 149 15.86 -32.02 -36.69
CA ALA A 149 14.69 -32.17 -35.82
C ALA A 149 14.71 -31.16 -34.67
N PHE A 150 15.88 -30.92 -34.08
CA PHE A 150 15.97 -29.93 -33.01
C PHE A 150 15.95 -28.51 -33.54
N ASP A 151 16.37 -28.30 -34.79
CA ASP A 151 16.29 -26.98 -35.41
C ASP A 151 14.84 -26.58 -35.65
N ILE A 152 14.05 -27.49 -36.23
CA ILE A 152 12.62 -27.25 -36.44
C ILE A 152 11.88 -27.08 -35.12
N MET A 153 12.20 -27.92 -34.12
CA MET A 153 11.51 -27.85 -32.82
C MET A 153 11.80 -26.54 -32.09
N CYS A 154 13.06 -26.13 -32.02
CA CYS A 154 13.43 -24.98 -31.20
C CYS A 154 12.99 -23.67 -31.83
N SER A 155 12.86 -23.63 -33.15
CA SER A 155 12.37 -22.42 -33.82
C SER A 155 10.86 -22.29 -33.68
N THR A 156 10.13 -23.37 -33.98
CA THR A 156 8.67 -23.37 -33.87
C THR A 156 8.20 -23.14 -32.44
N ALA A 157 8.93 -23.70 -31.45
CA ALA A 157 8.60 -23.46 -30.05
C ALA A 157 8.75 -22.00 -29.66
N SER A 158 9.71 -21.29 -30.26
CA SER A 158 9.88 -19.87 -29.96
C SER A 158 8.76 -19.05 -30.57
N ILE A 159 8.35 -19.39 -31.80
CA ILE A 159 7.32 -18.61 -32.49
C ILE A 159 5.93 -18.90 -31.92
N LEU A 160 5.68 -20.15 -31.50
CA LEU A 160 4.39 -20.47 -30.87
C LEU A 160 4.26 -19.85 -29.49
N ASN A 161 5.36 -19.76 -28.74
CA ASN A 161 5.32 -19.10 -27.43
C ASN A 161 5.03 -17.60 -27.58
N LEU A 162 5.46 -16.99 -28.67
CA LEU A 162 5.16 -15.58 -28.91
C LEU A 162 3.72 -15.37 -29.35
N CYS A 163 3.07 -16.41 -29.85
CA CYS A 163 1.63 -16.34 -30.15
C CYS A 163 0.79 -16.51 -28.90
N VAL A 164 1.22 -17.37 -27.98
CA VAL A 164 0.50 -17.58 -26.72
C VAL A 164 0.49 -16.30 -25.87
N ILE A 165 1.62 -15.58 -25.85
CA ILE A 165 1.73 -14.34 -25.08
C ILE A 165 0.76 -13.27 -25.61
N SER A 166 0.66 -13.16 -26.94
CA SER A 166 -0.26 -12.19 -27.54
C SER A 166 -1.71 -12.55 -27.24
N VAL A 167 -2.06 -13.84 -27.28
CA VAL A 167 -3.40 -14.29 -26.93
C VAL A 167 -3.66 -14.06 -25.44
N ASP A 168 -2.62 -14.17 -24.60
CA ASP A 168 -2.75 -13.84 -23.19
C ASP A 168 -3.01 -12.34 -23.00
N ARG A 169 -2.24 -11.50 -23.70
CA ARG A 169 -2.41 -10.06 -23.60
C ARG A 169 -3.74 -9.57 -24.16
N TYR A 170 -4.35 -10.31 -25.08
CA TYR A 170 -5.64 -9.90 -25.62
C TYR A 170 -6.81 -10.38 -24.77
N TRP A 171 -6.65 -11.49 -24.05
CA TRP A 171 -7.70 -11.93 -23.12
C TRP A 171 -7.80 -10.99 -21.92
N ALA A 172 -6.67 -10.51 -21.41
CA ALA A 172 -6.68 -9.67 -20.22
C ALA A 172 -7.13 -8.23 -20.51
N ILE A 173 -6.72 -7.66 -21.64
CA ILE A 173 -7.09 -6.29 -21.94
C ILE A 173 -8.52 -6.17 -22.50
N SER A 174 -9.01 -7.17 -23.23
CA SER A 174 -10.37 -7.07 -23.76
C SER A 174 -11.42 -7.34 -22.68
N SER A 175 -11.36 -8.53 -22.06
CA SER A 175 -12.27 -8.92 -21.00
C SER A 175 -11.50 -9.04 -19.70
N PRO A 176 -11.45 -7.98 -18.88
CA PRO A 176 -10.66 -8.04 -17.65
C PRO A 176 -11.30 -8.87 -16.55
N PHE A 177 -12.64 -8.95 -16.54
CA PHE A 177 -13.34 -9.71 -15.51
C PHE A 177 -13.25 -11.21 -15.76
N ARG A 178 -13.53 -11.62 -17.00
CA ARG A 178 -13.46 -13.03 -17.37
C ARG A 178 -12.04 -13.58 -17.22
N TYR A 179 -11.03 -12.73 -17.47
CA TYR A 179 -9.64 -13.13 -17.34
C TYR A 179 -9.26 -13.50 -15.91
N GLU A 180 -9.96 -12.96 -14.92
CA GLU A 180 -9.69 -13.35 -13.54
C GLU A 180 -10.29 -14.72 -13.21
N ARG A 181 -11.54 -14.95 -13.63
CA ARG A 181 -12.24 -16.19 -13.32
C ARG A 181 -11.69 -17.37 -14.11
N LYS A 182 -11.68 -17.26 -15.44
CA LYS A 182 -11.35 -18.40 -16.29
C LYS A 182 -9.87 -18.80 -16.22
N MET A 183 -8.96 -17.82 -16.14
CA MET A 183 -7.52 -18.12 -16.21
C MET A 183 -7.05 -18.70 -14.87
N THR A 184 -7.40 -19.97 -14.67
CA THR A 184 -6.77 -20.80 -13.66
C THR A 184 -5.34 -21.07 -14.09
N PRO A 185 -4.41 -21.27 -13.14
CA PRO A 185 -3.09 -21.83 -13.52
C PRO A 185 -3.16 -23.17 -14.24
N LYS A 186 -4.21 -23.96 -14.00
CA LYS A 186 -4.42 -25.22 -14.72
C LYS A 186 -4.47 -24.99 -16.23
N ALA A 187 -5.32 -24.05 -16.66
CA ALA A 187 -5.49 -23.73 -18.08
C ALA A 187 -4.25 -23.11 -18.70
N ALA A 188 -3.49 -22.33 -17.91
CA ALA A 188 -2.17 -21.84 -18.32
C ALA A 188 -1.28 -22.95 -18.87
N PHE A 189 -1.14 -24.06 -18.12
CA PHE A 189 -0.37 -25.21 -18.59
C PHE A 189 -0.93 -25.81 -19.87
N ILE A 190 -2.25 -25.76 -20.06
CA ILE A 190 -2.87 -26.36 -21.24
C ILE A 190 -2.52 -25.56 -22.49
N LEU A 191 -2.36 -24.25 -22.36
CA LEU A 191 -1.85 -23.43 -23.47
C LEU A 191 -0.40 -23.77 -23.78
N ILE A 192 0.45 -23.84 -22.75
CA ILE A 192 1.86 -24.16 -22.92
C ILE A 192 2.05 -25.56 -23.52
N SER A 193 1.20 -26.50 -23.14
CA SER A 193 1.39 -27.88 -23.58
C SER A 193 0.93 -28.11 -25.01
N VAL A 194 -0.01 -27.33 -25.53
CA VAL A 194 -0.38 -27.48 -26.94
C VAL A 194 0.70 -26.86 -27.85
N ALA A 195 1.37 -25.81 -27.37
CA ALA A 195 2.50 -25.22 -28.09
C ALA A 195 3.65 -26.22 -28.25
N TRP A 196 4.14 -26.76 -27.12
CA TRP A 196 5.28 -27.69 -27.16
C TRP A 196 4.94 -29.02 -27.83
N THR A 197 3.68 -29.45 -27.81
CA THR A 197 3.34 -30.71 -28.47
C THR A 197 3.20 -30.53 -29.97
N LEU A 198 2.77 -29.35 -30.43
CA LEU A 198 2.79 -29.03 -31.85
C LEU A 198 4.21 -28.96 -32.39
N SER A 199 5.17 -28.53 -31.57
CA SER A 199 6.55 -28.46 -31.99
C SER A 199 7.15 -29.85 -32.19
N VAL A 200 6.77 -30.80 -31.33
CA VAL A 200 7.31 -32.15 -31.45
C VAL A 200 6.54 -32.96 -32.50
N LEU A 201 5.27 -32.61 -32.74
CA LEU A 201 4.49 -33.25 -33.80
C LEU A 201 4.89 -32.77 -35.19
N ILE A 202 5.45 -31.56 -35.31
CA ILE A 202 5.91 -31.08 -36.61
C ILE A 202 7.35 -31.51 -36.93
N SER A 203 8.14 -31.88 -35.92
CA SER A 203 9.56 -32.08 -36.12
C SER A 203 10.00 -33.53 -36.01
N PHE A 204 9.78 -34.19 -34.88
CA PHE A 204 10.40 -35.50 -34.66
C PHE A 204 9.73 -36.61 -35.46
N ILE A 205 8.45 -36.48 -35.77
CA ILE A 205 7.79 -37.49 -36.60
C ILE A 205 8.21 -37.41 -38.07
N PRO A 206 8.10 -36.27 -38.80
CA PRO A 206 8.47 -36.32 -40.23
C PRO A 206 9.96 -36.50 -40.49
N VAL A 207 10.84 -35.93 -39.66
CA VAL A 207 12.28 -36.00 -39.92
C VAL A 207 12.81 -37.42 -39.72
N GLN A 208 12.25 -38.17 -38.77
CA GLN A 208 12.76 -39.51 -38.52
C GLN A 208 12.13 -40.53 -39.47
N LEU A 209 10.86 -40.33 -39.84
CA LEU A 209 10.25 -41.06 -40.94
C LEU A 209 10.80 -40.64 -42.31
N SER A 210 11.54 -39.52 -42.37
CA SER A 210 12.20 -38.99 -43.57
C SER A 210 11.21 -38.68 -44.69
N TRP A 211 10.21 -37.86 -44.35
CA TRP A 211 9.29 -37.35 -45.37
C TRP A 211 9.91 -36.20 -46.16
N HIS A 212 10.76 -35.39 -45.52
CA HIS A 212 11.35 -34.23 -46.18
C HIS A 212 12.63 -34.56 -46.94
N LYS A 213 13.37 -35.58 -46.50
CA LYS A 213 14.70 -35.84 -47.05
C LYS A 213 14.64 -36.41 -48.45
N ALA A 214 13.72 -37.35 -48.68
CA ALA A 214 13.57 -37.98 -50.00
C ALA A 214 12.79 -37.04 -50.94
N LYS A 215 13.48 -35.99 -51.37
CA LYS A 215 12.87 -35.05 -52.31
C LYS A 215 12.76 -35.63 -53.72
N PRO A 216 13.80 -36.28 -54.32
CA PRO A 216 13.44 -36.90 -55.60
C PRO A 216 12.75 -38.25 -55.42
N ILE A 231 34.42 -35.63 -47.15
CA ILE A 231 33.72 -34.40 -46.82
C ILE A 231 32.21 -34.61 -46.89
N ASP A 232 31.55 -34.48 -45.73
CA ASP A 232 30.11 -34.64 -45.63
C ASP A 232 29.48 -33.28 -45.35
N ASN A 233 28.29 -33.06 -45.90
CA ASN A 233 27.56 -31.82 -45.72
C ASN A 233 26.21 -32.10 -45.10
N CYS A 234 25.71 -31.11 -44.35
CA CYS A 234 24.41 -31.19 -43.69
C CYS A 234 23.36 -30.41 -44.48
N ASP A 235 23.46 -30.46 -45.81
CA ASP A 235 22.56 -29.71 -46.69
C ASP A 235 21.20 -30.41 -46.74
N SER A 236 20.37 -30.11 -45.73
CA SER A 236 19.04 -30.69 -45.64
C SER A 236 18.10 -29.91 -46.54
N SER A 237 17.97 -30.37 -47.78
CA SER A 237 17.05 -29.79 -48.74
C SER A 237 15.64 -30.30 -48.43
N LEU A 238 14.79 -29.41 -47.92
CA LEU A 238 13.42 -29.80 -47.60
C LEU A 238 12.61 -30.04 -48.86
N SER A 239 11.75 -31.06 -48.81
CA SER A 239 10.91 -31.42 -49.95
C SER A 239 9.80 -30.38 -50.14
N ARG A 240 9.05 -30.56 -51.24
CA ARG A 240 7.95 -29.64 -51.56
C ARG A 240 6.84 -29.74 -50.53
N THR A 241 6.39 -30.96 -50.23
CA THR A 241 5.33 -31.20 -49.26
C THR A 241 5.66 -30.62 -47.87
N TYR A 242 6.85 -30.92 -47.35
CA TYR A 242 7.16 -30.54 -45.97
C TYR A 242 7.53 -29.08 -45.81
N ALA A 243 8.01 -28.40 -46.87
CA ALA A 243 8.38 -27.00 -46.72
C ALA A 243 7.17 -26.10 -46.55
N ILE A 244 6.19 -26.24 -47.45
CA ILE A 244 4.95 -25.46 -47.38
C ILE A 244 4.19 -25.78 -46.08
N SER A 245 4.01 -27.07 -45.79
CA SER A 245 3.21 -27.50 -44.63
C SER A 245 3.81 -27.04 -43.30
N SER A 246 5.12 -27.17 -43.12
CA SER A 246 5.75 -26.75 -41.86
C SER A 246 5.69 -25.24 -41.67
N SER A 247 5.87 -24.46 -42.75
CA SER A 247 5.82 -23.01 -42.68
C SER A 247 4.45 -22.49 -42.23
N VAL A 248 3.37 -23.09 -42.75
CA VAL A 248 2.02 -22.68 -42.38
C VAL A 248 1.74 -22.95 -40.91
N ILE A 249 2.18 -24.11 -40.40
CA ILE A 249 1.89 -24.47 -39.02
C ILE A 249 2.84 -23.78 -38.04
N SER A 250 4.00 -23.30 -38.49
CA SER A 250 4.97 -22.69 -37.60
C SER A 250 5.05 -21.17 -37.72
N PHE A 251 4.85 -20.62 -38.91
CA PHE A 251 5.02 -19.18 -39.10
C PHE A 251 3.73 -18.47 -39.51
N TYR A 252 3.03 -18.96 -40.53
CA TYR A 252 1.97 -18.14 -41.14
C TYR A 252 0.73 -18.05 -40.26
N ILE A 253 0.28 -19.18 -39.70
CA ILE A 253 -0.80 -19.15 -38.70
C ILE A 253 -0.47 -18.27 -37.48
N PRO A 254 0.67 -18.45 -36.76
CA PRO A 254 0.93 -17.55 -35.60
C PRO A 254 1.11 -16.07 -35.96
N VAL A 255 1.54 -15.74 -37.18
CA VAL A 255 1.66 -14.33 -37.55
C VAL A 255 0.31 -13.79 -38.04
N ALA A 256 -0.63 -14.67 -38.39
CA ALA A 256 -1.97 -14.20 -38.68
C ALA A 256 -2.73 -13.88 -37.40
N ILE A 257 -2.57 -14.72 -36.37
CA ILE A 257 -3.14 -14.45 -35.05
C ILE A 257 -2.58 -13.15 -34.47
N MET A 258 -1.25 -12.97 -34.55
CA MET A 258 -0.59 -11.81 -33.93
C MET A 258 -0.93 -10.49 -34.61
N ILE A 259 -1.25 -10.48 -35.90
CA ILE A 259 -1.59 -9.21 -36.54
C ILE A 259 -3.01 -8.81 -36.17
N VAL A 260 -3.92 -9.78 -36.03
CA VAL A 260 -5.28 -9.48 -35.63
C VAL A 260 -5.36 -9.16 -34.14
N THR A 261 -4.53 -9.83 -33.33
CA THR A 261 -4.44 -9.54 -31.89
C THR A 261 -3.99 -8.12 -31.60
N TYR A 262 -2.78 -7.75 -32.03
CA TYR A 262 -2.21 -6.45 -31.63
C TYR A 262 -2.90 -5.27 -32.30
N THR A 263 -3.62 -5.49 -33.41
CA THR A 263 -4.41 -4.41 -33.99
C THR A 263 -5.60 -4.06 -33.09
N ARG A 264 -6.25 -5.07 -32.52
CA ARG A 264 -7.36 -4.84 -31.58
C ARG A 264 -6.87 -4.19 -30.29
N ILE A 265 -5.67 -4.55 -29.83
CA ILE A 265 -5.12 -3.94 -28.61
C ILE A 265 -4.72 -2.49 -28.88
N TYR A 266 -4.44 -2.15 -30.14
CA TYR A 266 -4.20 -0.76 -30.50
C TYR A 266 -5.48 0.02 -30.72
N ARG A 267 -6.61 -0.67 -30.92
CA ARG A 267 -7.91 -0.01 -30.86
C ARG A 267 -8.28 0.35 -29.43
N ILE A 268 -8.10 -0.60 -28.50
CA ILE A 268 -8.41 -0.39 -27.09
C ILE A 268 -7.56 0.73 -26.49
N ALA A 269 -6.23 0.66 -26.71
CA ALA A 269 -5.30 1.64 -26.16
C ALA A 269 -5.56 3.05 -26.69
N GLN A 270 -5.92 3.17 -27.97
CA GLN A 270 -6.21 4.47 -28.58
C GLN A 270 -7.42 5.12 -27.93
N LYS A 271 -8.47 4.32 -27.65
CA LYS A 271 -9.69 4.84 -27.03
C LYS A 271 -9.42 5.39 -25.63
N GLN A 272 -8.58 4.69 -24.85
CA GLN A 272 -8.25 5.13 -23.50
C GLN A 272 -7.54 6.48 -23.49
N ILE A 273 -6.65 6.71 -24.45
CA ILE A 273 -5.93 7.98 -24.54
C ILE A 273 -6.90 9.13 -24.82
N ARG A 274 -7.92 8.87 -25.64
CA ARG A 274 -8.93 9.87 -25.96
C ARG A 274 -9.71 10.27 -24.72
N ARG A 275 -10.03 9.30 -23.86
CA ARG A 275 -10.71 9.58 -22.60
C ARG A 275 -9.83 10.41 -21.68
N ILE A 276 -8.52 10.11 -21.63
CA ILE A 276 -7.60 10.89 -20.81
C ILE A 276 -7.46 12.30 -21.37
N ALA A 277 -7.42 12.42 -22.71
CA ALA A 277 -7.28 13.72 -23.35
C ALA A 277 -8.50 14.61 -23.11
N ALA A 278 -9.68 14.01 -22.95
CA ALA A 278 -10.87 14.81 -22.65
C ALA A 278 -10.78 15.40 -21.25
N LEU A 279 -10.44 14.58 -20.25
CA LEU A 279 -10.27 15.04 -18.88
C LEU A 279 -9.13 16.04 -18.73
N GLU A 280 -7.96 15.73 -19.30
CA GLU A 280 -6.80 16.63 -19.30
C GLU A 280 -7.12 18.02 -19.88
N ARG A 281 -7.78 18.07 -21.04
CA ARG A 281 -7.99 19.35 -21.70
C ARG A 281 -9.03 20.21 -20.99
N ALA A 282 -9.98 19.58 -20.28
CA ALA A 282 -10.91 20.34 -19.46
C ALA A 282 -10.21 21.00 -18.28
N ALA A 283 -9.31 20.27 -17.61
CA ALA A 283 -8.43 20.82 -16.59
C ALA A 283 -7.61 22.01 -17.10
N VAL A 284 -6.88 21.81 -18.22
CA VAL A 284 -6.10 22.85 -18.86
C VAL A 284 -6.94 24.07 -19.21
N HIS A 285 -8.16 23.84 -19.73
CA HIS A 285 -9.08 24.94 -20.03
C HIS A 285 -9.48 25.70 -18.77
N ALA A 286 -9.75 24.99 -17.68
CA ALA A 286 -10.13 25.63 -16.43
C ALA A 286 -8.99 26.43 -15.82
N LYS A 287 -7.77 25.87 -15.86
CA LYS A 287 -6.60 26.57 -15.31
C LYS A 287 -6.25 27.83 -16.09
N ASN A 288 -6.31 27.76 -17.44
CA ASN A 288 -6.02 28.93 -18.26
C ASN A 288 -7.08 30.02 -18.07
N CYS A 289 -8.35 29.62 -17.97
CA CYS A 289 -9.43 30.59 -17.76
C CYS A 289 -9.32 31.28 -16.40
N GLN A 290 -8.75 30.59 -15.41
CA GLN A 290 -8.51 31.13 -14.08
C GLN A 290 -7.51 32.27 -14.10
N PHE A 312 -0.01 13.66 -27.01
CA PHE A 312 0.84 13.25 -28.12
C PHE A 312 2.00 12.40 -27.64
N LYS A 313 2.45 12.68 -26.42
CA LYS A 313 3.50 11.86 -25.82
C LYS A 313 3.00 10.47 -25.46
N ARG A 314 1.77 10.40 -24.92
CA ARG A 314 1.17 9.10 -24.60
C ARG A 314 0.88 8.29 -25.85
N GLU A 315 0.53 8.95 -26.97
CA GLU A 315 0.21 8.23 -28.19
C GLU A 315 1.44 7.67 -28.86
N THR A 316 2.57 8.36 -28.74
CA THR A 316 3.84 7.86 -29.27
C THR A 316 4.27 6.60 -28.51
N LYS A 317 4.10 6.60 -27.18
CA LYS A 317 4.40 5.41 -26.36
C LYS A 317 3.56 4.20 -26.78
N VAL A 318 2.28 4.42 -27.09
CA VAL A 318 1.40 3.32 -27.52
C VAL A 318 1.91 2.71 -28.83
N LEU A 319 2.31 3.57 -29.77
CA LEU A 319 2.76 3.09 -31.07
C LEU A 319 4.17 2.53 -31.02
N LYS A 320 5.06 3.12 -30.18
CA LYS A 320 6.44 2.64 -30.07
C LYS A 320 6.52 1.24 -29.48
N THR A 321 5.75 0.96 -28.42
CA THR A 321 5.79 -0.35 -27.76
C THR A 321 5.34 -1.46 -28.71
N LEU A 322 4.21 -1.27 -29.39
CA LEU A 322 3.71 -2.28 -30.30
C LEU A 322 4.61 -2.44 -31.52
N SER A 323 5.22 -1.35 -32.00
CA SER A 323 6.13 -1.41 -33.14
C SER A 323 7.38 -2.23 -32.82
N VAL A 324 7.96 -2.07 -31.63
CA VAL A 324 9.18 -2.79 -31.28
C VAL A 324 8.92 -4.29 -31.21
N ILE A 325 7.80 -4.69 -30.61
CA ILE A 325 7.44 -6.11 -30.50
C ILE A 325 7.21 -6.72 -31.87
N MET A 326 6.27 -6.15 -32.63
CA MET A 326 5.96 -6.66 -33.97
C MET A 326 7.12 -6.46 -34.96
N GLY A 327 7.80 -5.32 -34.90
CA GLY A 327 8.86 -5.04 -35.88
C GLY A 327 10.07 -5.93 -35.79
N VAL A 328 10.53 -6.24 -34.58
CA VAL A 328 11.73 -7.06 -34.41
C VAL A 328 11.44 -8.49 -34.83
N PHE A 329 10.28 -9.02 -34.42
CA PHE A 329 9.91 -10.40 -34.72
C PHE A 329 9.70 -10.63 -36.22
N VAL A 330 8.94 -9.75 -36.87
CA VAL A 330 8.65 -9.90 -38.30
C VAL A 330 9.93 -9.74 -39.14
N CYS A 331 10.77 -8.75 -38.81
CA CYS A 331 11.99 -8.49 -39.60
C CYS A 331 12.96 -9.66 -39.56
N CYS A 332 13.06 -10.35 -38.43
CA CYS A 332 13.98 -11.47 -38.31
C CYS A 332 13.50 -12.68 -39.12
N TRP A 333 12.23 -13.06 -38.98
CA TRP A 333 11.76 -14.32 -39.55
C TRP A 333 11.10 -14.21 -40.93
N LEU A 334 10.67 -13.02 -41.37
CA LEU A 334 9.99 -12.95 -42.67
C LEU A 334 10.91 -13.16 -43.89
N PRO A 335 12.14 -12.62 -43.98
CA PRO A 335 12.96 -12.94 -45.15
C PRO A 335 13.54 -14.36 -45.16
N PHE A 336 13.24 -15.19 -44.17
CA PHE A 336 13.66 -16.58 -44.18
C PHE A 336 12.53 -17.55 -44.53
N PHE A 337 11.29 -17.25 -44.14
CA PHE A 337 10.17 -18.11 -44.52
C PHE A 337 9.61 -17.80 -45.90
N ILE A 338 9.89 -16.61 -46.44
CA ILE A 338 9.66 -16.39 -47.87
C ILE A 338 10.60 -17.24 -48.70
N LEU A 339 11.90 -17.22 -48.36
CA LEU A 339 12.88 -18.02 -49.08
C LEU A 339 12.66 -19.52 -48.91
N ASN A 340 12.21 -19.94 -47.71
CA ASN A 340 12.07 -21.35 -47.39
C ASN A 340 11.00 -22.01 -48.26
N CYS A 341 9.91 -21.29 -48.53
CA CYS A 341 8.89 -21.84 -49.42
C CYS A 341 9.34 -21.82 -50.88
N ILE A 342 10.10 -20.79 -51.28
CA ILE A 342 10.53 -20.63 -52.67
C ILE A 342 11.54 -21.71 -53.07
N LEU A 343 12.65 -21.82 -52.31
CA LEU A 343 13.81 -22.68 -52.54
C LEU A 343 13.54 -24.09 -53.10
N PRO A 344 12.65 -24.93 -52.53
CA PRO A 344 12.38 -26.23 -53.21
C PRO A 344 11.71 -26.05 -54.57
N PHE A 345 10.63 -25.26 -54.61
CA PHE A 345 9.96 -24.90 -55.86
C PHE A 345 10.91 -24.32 -56.90
N CYS A 346 11.89 -23.54 -56.47
CA CYS A 346 12.91 -23.00 -57.38
C CYS A 346 13.83 -24.10 -57.89
N CYS A 355 18.47 -17.69 -58.69
CA CYS A 355 17.63 -18.22 -57.63
C CYS A 355 18.13 -17.71 -56.27
N ILE A 356 18.52 -18.64 -55.40
CA ILE A 356 19.06 -18.32 -54.09
C ILE A 356 20.34 -19.11 -53.90
N ASP A 357 21.43 -18.41 -53.58
CA ASP A 357 22.71 -19.06 -53.34
C ASP A 357 22.74 -19.69 -51.95
N SER A 358 23.66 -20.64 -51.77
CA SER A 358 23.80 -21.31 -50.48
C SER A 358 24.42 -20.39 -49.43
N ASN A 359 25.41 -19.59 -49.83
CA ASN A 359 26.01 -18.60 -48.94
C ASN A 359 24.98 -17.58 -48.44
N THR A 360 24.21 -17.01 -49.38
CA THR A 360 23.18 -16.03 -49.06
C THR A 360 22.12 -16.60 -48.12
N PHE A 361 21.58 -17.78 -48.45
CA PHE A 361 20.58 -18.46 -47.62
C PHE A 361 21.07 -18.72 -46.21
N ASP A 362 22.35 -19.10 -46.06
CA ASP A 362 22.98 -19.28 -44.75
C ASP A 362 22.85 -18.04 -43.87
N VAL A 363 23.09 -16.86 -44.45
CA VAL A 363 23.09 -15.59 -43.70
C VAL A 363 21.71 -15.32 -43.08
N PHE A 364 20.63 -15.63 -43.81
CA PHE A 364 19.28 -15.38 -43.33
C PHE A 364 18.89 -16.29 -42.16
N VAL A 365 19.51 -17.48 -42.07
CA VAL A 365 19.23 -18.39 -40.95
C VAL A 365 19.68 -17.78 -39.64
N TRP A 366 20.83 -17.10 -39.64
CA TRP A 366 21.33 -16.43 -38.45
C TRP A 366 20.43 -15.28 -37.99
N PHE A 367 19.81 -14.56 -38.93
CA PHE A 367 18.89 -13.49 -38.55
C PHE A 367 17.67 -14.03 -37.81
N GLY A 368 17.14 -15.18 -38.26
CA GLY A 368 16.10 -15.86 -37.51
C GLY A 368 16.53 -16.22 -36.10
N TRP A 369 17.75 -16.72 -35.95
CA TRP A 369 18.27 -17.11 -34.65
C TRP A 369 18.61 -15.89 -33.80
N ALA A 370 18.99 -14.78 -34.44
CA ALA A 370 19.30 -13.53 -33.74
C ALA A 370 18.11 -13.01 -32.94
N ASN A 371 16.89 -13.29 -33.39
CA ASN A 371 15.68 -12.89 -32.68
C ASN A 371 15.62 -13.51 -31.28
N SER A 372 16.20 -14.70 -31.10
CA SER A 372 16.24 -15.34 -29.78
C SER A 372 17.13 -14.60 -28.80
N SER A 373 18.03 -13.73 -29.29
CA SER A 373 18.88 -12.93 -28.43
C SER A 373 18.13 -11.69 -27.95
N LEU A 374 17.30 -11.11 -28.81
CA LEU A 374 16.55 -9.91 -28.50
C LEU A 374 15.22 -10.17 -27.82
N ASN A 375 14.80 -11.44 -27.73
CA ASN A 375 13.53 -11.74 -27.05
C ASN A 375 13.50 -11.41 -25.55
N PRO A 376 14.52 -11.71 -24.72
CA PRO A 376 14.40 -11.34 -23.29
C PRO A 376 14.28 -9.84 -23.01
N ILE A 377 15.08 -9.00 -23.68
CA ILE A 377 15.04 -7.56 -23.43
C ILE A 377 13.68 -6.96 -23.80
N ILE A 378 13.05 -7.44 -24.88
CA ILE A 378 11.75 -6.92 -25.31
C ILE A 378 10.66 -7.22 -24.29
N TYR A 379 10.64 -8.44 -23.75
CA TYR A 379 9.55 -8.85 -22.87
C TYR A 379 9.85 -8.75 -21.37
N ALA A 380 11.11 -8.64 -20.96
CA ALA A 380 11.44 -8.53 -19.54
C ALA A 380 11.97 -7.15 -19.16
N PHE A 381 11.54 -6.09 -19.86
CA PHE A 381 11.74 -4.72 -19.38
C PHE A 381 10.49 -4.26 -18.62
N ASN A 382 10.26 -4.93 -17.50
CA ASN A 382 9.21 -4.58 -16.56
C ASN A 382 9.85 -4.09 -15.27
N ALA A 383 9.02 -3.53 -14.38
CA ALA A 383 9.51 -3.02 -13.11
C ALA A 383 10.04 -4.14 -12.21
N ASP A 384 9.30 -5.26 -12.12
CA ASP A 384 9.74 -6.39 -11.31
C ASP A 384 10.99 -7.04 -11.87
N PHE A 385 11.06 -7.24 -13.20
CA PHE A 385 12.20 -7.90 -13.81
C PHE A 385 13.49 -7.09 -13.66
N ARG A 386 13.42 -5.77 -13.88
CA ARG A 386 14.61 -4.93 -13.74
C ARG A 386 15.14 -4.93 -12.31
N LYS A 387 14.25 -4.89 -11.33
CA LYS A 387 14.65 -5.00 -9.92
C LYS A 387 15.30 -6.35 -9.65
N ALA A 388 14.73 -7.42 -10.20
CA ALA A 388 15.28 -8.76 -10.04
C ALA A 388 16.66 -8.88 -10.68
N PHE A 389 16.84 -8.28 -11.85
CA PHE A 389 18.11 -8.35 -12.58
C PHE A 389 19.25 -7.72 -11.80
N SER A 390 19.00 -6.56 -11.18
CA SER A 390 20.03 -5.87 -10.39
C SER A 390 20.46 -6.70 -9.18
N THR A 391 19.49 -7.33 -8.52
CA THR A 391 19.77 -8.16 -7.35
C THR A 391 20.56 -9.42 -7.73
N LEU A 392 20.01 -10.20 -8.66
CA LEU A 392 20.60 -11.48 -9.09
C LEU A 392 22.00 -11.30 -9.66
N LEU A 393 22.16 -10.43 -10.66
CA LEU A 393 23.47 -10.21 -11.27
C LEU A 393 24.44 -9.56 -10.29
N GLY A 394 23.94 -8.66 -9.43
CA GLY A 394 24.78 -7.98 -8.48
C GLY A 394 25.45 -6.73 -9.00
N CYS A 395 24.98 -6.18 -10.12
CA CYS A 395 25.56 -4.95 -10.66
C CYS A 395 25.25 -3.76 -9.77
N TYR A 396 23.97 -3.50 -9.53
CA TYR A 396 23.55 -2.41 -8.66
C TYR A 396 23.61 -2.85 -7.20
N THR B 9 11.86 -42.30 18.92
CA THR B 9 11.59 -41.31 17.89
C THR B 9 10.44 -41.74 16.99
N GLU B 10 9.86 -42.91 17.29
CA GLU B 10 8.74 -43.41 16.51
C GLU B 10 7.47 -42.62 16.78
N ASP B 11 7.24 -42.26 18.06
CA ASP B 11 6.08 -41.46 18.42
C ASP B 11 6.14 -40.07 17.81
N GLN B 12 7.36 -39.49 17.72
CA GLN B 12 7.54 -38.18 17.08
C GLN B 12 7.13 -38.21 15.61
N ARG B 13 7.47 -39.30 14.92
CA ARG B 13 7.08 -39.46 13.52
C ARG B 13 5.57 -39.54 13.35
N ASN B 14 4.90 -40.23 14.29
CA ASN B 14 3.44 -40.33 14.28
C ASN B 14 2.78 -38.97 14.47
N GLU B 15 3.34 -38.15 15.37
CA GLU B 15 2.80 -36.81 15.61
C GLU B 15 2.90 -35.92 14.38
N GLU B 16 4.00 -36.04 13.62
CA GLU B 16 4.18 -35.27 12.39
C GLU B 16 3.11 -35.61 11.36
N LYS B 17 2.70 -36.88 11.29
CA LYS B 17 1.65 -37.32 10.38
C LYS B 17 0.32 -36.63 10.67
N ALA B 18 0.02 -36.43 11.96
CA ALA B 18 -1.23 -35.79 12.38
C ALA B 18 -1.29 -34.34 11.88
N GLN B 19 -0.23 -33.56 12.16
CA GLN B 19 -0.18 -32.16 11.76
C GLN B 19 -0.23 -32.01 10.24
N ARG B 20 0.49 -32.87 9.52
CA ARG B 20 0.51 -32.81 8.06
C ARG B 20 -0.87 -33.05 7.46
N GLU B 21 -1.62 -34.01 8.02
CA GLU B 21 -2.97 -34.30 7.56
C GLU B 21 -3.89 -33.10 7.80
N ALA B 22 -3.78 -32.47 8.96
CA ALA B 22 -4.59 -31.29 9.30
C ALA B 22 -4.29 -30.14 8.36
N ASN B 23 -3.00 -29.93 8.03
CA ASN B 23 -2.58 -28.85 7.14
C ASN B 23 -3.20 -28.98 5.75
N LYS B 24 -3.24 -30.21 5.22
CA LYS B 24 -3.80 -30.46 3.90
C LYS B 24 -5.27 -30.10 3.82
N MET B 25 -6.05 -30.47 4.85
CA MET B 25 -7.47 -30.15 4.88
C MET B 25 -7.70 -28.65 4.94
N ILE B 26 -6.92 -27.94 5.76
CA ILE B 26 -7.03 -26.49 5.84
C ILE B 26 -6.59 -25.83 4.53
N GLU B 27 -5.53 -26.33 3.91
CA GLU B 27 -5.00 -25.75 2.67
C GLU B 27 -6.01 -25.83 1.52
N LYS B 28 -6.71 -26.97 1.37
CA LYS B 28 -7.69 -27.11 0.30
C LYS B 28 -8.85 -26.12 0.47
N GLN B 29 -9.27 -25.88 1.70
CA GLN B 29 -10.34 -24.91 1.98
C GLN B 29 -9.91 -23.50 1.58
N LEU B 30 -8.65 -23.14 1.87
CA LEU B 30 -8.12 -21.83 1.52
C LEU B 30 -8.01 -21.61 0.01
N GLN B 31 -8.04 -22.69 -0.79
CA GLN B 31 -7.99 -22.58 -2.23
C GLN B 31 -9.36 -22.30 -2.81
N LYS B 32 -10.39 -22.96 -2.26
CA LYS B 32 -11.78 -22.66 -2.65
C LYS B 32 -12.14 -21.23 -2.33
N ASP B 33 -11.73 -20.74 -1.16
CA ASP B 33 -11.96 -19.35 -0.77
C ASP B 33 -11.14 -18.40 -1.62
N LYS B 34 -9.97 -18.84 -2.10
CA LYS B 34 -9.11 -18.01 -2.95
C LYS B 34 -9.80 -17.66 -4.26
N GLN B 35 -10.55 -18.61 -4.82
CA GLN B 35 -11.32 -18.36 -6.04
C GLN B 35 -12.41 -17.32 -5.80
N VAL B 36 -13.12 -17.44 -4.68
CA VAL B 36 -14.20 -16.51 -4.36
C VAL B 36 -13.63 -15.12 -4.03
N TYR B 37 -12.49 -15.08 -3.33
CA TYR B 37 -11.84 -13.82 -2.99
C TYR B 37 -11.38 -13.05 -4.22
N ARG B 38 -10.73 -13.75 -5.18
CA ARG B 38 -10.27 -13.08 -6.39
C ARG B 38 -11.44 -12.54 -7.21
N ALA B 39 -12.53 -13.30 -7.27
CA ALA B 39 -13.72 -12.87 -8.00
C ALA B 39 -14.39 -11.67 -7.34
N THR B 40 -14.14 -11.46 -6.05
CA THR B 40 -14.71 -10.36 -5.28
C THR B 40 -13.99 -9.06 -5.60
N HIS B 41 -14.77 -8.02 -5.90
CA HIS B 41 -14.25 -6.67 -6.10
C HIS B 41 -14.76 -5.78 -4.97
N ARG B 42 -13.83 -5.23 -4.20
CA ARG B 42 -14.17 -4.39 -3.06
C ARG B 42 -14.37 -2.94 -3.51
N LEU B 43 -15.24 -2.23 -2.78
CA LEU B 43 -15.56 -0.84 -3.07
C LEU B 43 -15.79 -0.12 -1.75
N LEU B 44 -15.20 1.07 -1.62
CA LEU B 44 -15.37 1.90 -0.44
C LEU B 44 -16.26 3.09 -0.76
N LEU B 45 -17.34 3.25 0.01
CA LEU B 45 -18.28 4.34 -0.18
C LEU B 45 -17.95 5.47 0.78
N LEU B 46 -17.55 6.62 0.22
CA LEU B 46 -17.22 7.81 1.00
C LEU B 46 -18.13 8.95 0.57
N GLY B 47 -18.79 9.59 1.54
CA GLY B 47 -19.66 10.69 1.20
C GLY B 47 -20.01 11.52 2.41
N ALA B 48 -20.56 12.70 2.14
CA ALA B 48 -21.01 13.61 3.18
C ALA B 48 -22.34 13.14 3.77
N ASP B 49 -22.69 13.72 4.92
CA ASP B 49 -23.90 13.33 5.62
C ASP B 49 -25.16 13.73 4.87
N ASN B 50 -25.16 14.95 4.29
CA ASN B 50 -26.33 15.43 3.57
C ASN B 50 -26.54 14.68 2.27
N SER B 51 -25.46 14.31 1.59
CA SER B 51 -25.56 13.63 0.32
C SER B 51 -26.02 12.19 0.49
N GLY B 52 -26.85 11.71 -0.44
CA GLY B 52 -27.42 10.39 -0.35
C GLY B 52 -26.53 9.28 -0.89
N LYS B 53 -25.52 8.90 -0.09
CA LYS B 53 -24.66 7.79 -0.49
C LYS B 53 -25.39 6.46 -0.43
N SER B 54 -26.39 6.32 0.44
CA SER B 54 -27.20 5.10 0.47
C SER B 54 -28.09 4.99 -0.75
N THR B 55 -28.44 6.11 -1.36
CA THR B 55 -29.40 6.19 -2.46
C THR B 55 -28.73 5.93 -3.81
N ILE B 56 -27.43 5.62 -3.82
CA ILE B 56 -26.67 5.49 -5.07
C ILE B 56 -27.12 4.26 -5.86
N VAL B 57 -27.21 3.10 -5.23
CA VAL B 57 -27.44 1.82 -5.93
C VAL B 57 -28.68 1.15 -5.33
N LYS B 58 -29.82 1.36 -5.97
CA LYS B 58 -31.07 0.69 -5.62
C LYS B 58 -31.33 -0.56 -6.46
N GLN B 59 -30.33 -1.06 -7.19
CA GLN B 59 -30.56 -2.16 -8.12
C GLN B 59 -30.81 -3.48 -7.39
N MET B 60 -29.93 -3.84 -6.44
CA MET B 60 -30.05 -5.11 -5.74
C MET B 60 -30.57 -4.96 -4.32
N ARG B 61 -29.93 -4.09 -3.52
CA ARG B 61 -30.36 -3.74 -2.15
C ARG B 61 -30.44 -4.95 -1.22
N ILE B 62 -29.36 -5.73 -1.17
CA ILE B 62 -29.25 -6.77 -0.15
C ILE B 62 -29.09 -6.13 1.22
N TYR B 63 -28.09 -5.23 1.35
CA TYR B 63 -27.86 -4.36 2.51
C TYR B 63 -27.75 -5.13 3.82
N HIS B 64 -26.65 -5.88 3.94
CA HIS B 64 -26.36 -6.54 5.21
C HIS B 64 -25.92 -5.49 6.22
N VAL B 65 -26.29 -5.71 7.48
CA VAL B 65 -26.09 -4.74 8.55
C VAL B 65 -25.18 -5.35 9.61
N ASN B 66 -24.09 -4.66 9.91
CA ASN B 66 -23.20 -4.95 11.01
C ASN B 66 -23.37 -3.87 12.07
N SER B 67 -22.50 -3.90 13.10
CA SER B 67 -22.59 -2.93 14.19
C SER B 67 -22.31 -1.51 13.71
N GLY B 68 -21.11 -1.27 13.19
CA GLY B 68 -20.79 0.05 12.66
C GLY B 68 -20.71 0.11 11.15
N ILE B 69 -20.06 -0.87 10.53
CA ILE B 69 -19.85 -0.88 9.10
C ILE B 69 -21.11 -1.39 8.41
N PHE B 70 -21.39 -0.86 7.22
CA PHE B 70 -22.51 -1.31 6.40
C PHE B 70 -21.96 -1.86 5.09
N GLU B 71 -22.35 -3.10 4.74
CA GLU B 71 -21.87 -3.74 3.53
C GLU B 71 -23.05 -4.01 2.60
N THR B 72 -22.90 -3.61 1.34
CA THR B 72 -23.91 -3.78 0.30
C THR B 72 -23.35 -4.71 -0.78
N LYS B 73 -24.14 -5.72 -1.15
CA LYS B 73 -23.74 -6.69 -2.15
C LYS B 73 -24.64 -6.55 -3.38
N PHE B 74 -24.02 -6.45 -4.55
CA PHE B 74 -24.77 -6.33 -5.80
C PHE B 74 -23.96 -6.94 -6.93
N GLN B 75 -24.61 -7.74 -7.76
CA GLN B 75 -23.96 -8.37 -8.90
C GLN B 75 -24.43 -7.74 -10.19
N VAL B 76 -23.49 -7.51 -11.12
CA VAL B 76 -23.79 -7.00 -12.45
C VAL B 76 -23.04 -7.86 -13.45
N ASP B 77 -23.79 -8.52 -14.35
CA ASP B 77 -23.26 -9.42 -15.39
C ASP B 77 -22.41 -10.54 -14.79
N LYS B 78 -22.95 -11.18 -13.76
CA LYS B 78 -22.33 -12.28 -13.02
C LYS B 78 -20.98 -11.91 -12.42
N VAL B 79 -20.82 -10.64 -12.04
CA VAL B 79 -19.62 -10.16 -11.37
C VAL B 79 -20.04 -9.58 -10.02
N ASN B 80 -19.55 -10.19 -8.94
CA ASN B 80 -19.99 -9.84 -7.60
C ASN B 80 -19.22 -8.62 -7.10
N PHE B 81 -19.95 -7.67 -6.51
CA PHE B 81 -19.37 -6.45 -5.96
C PHE B 81 -19.73 -6.36 -4.48
N HIS B 82 -18.75 -6.03 -3.65
CA HIS B 82 -18.96 -5.68 -2.25
C HIS B 82 -18.64 -4.21 -2.05
N MET B 83 -19.60 -3.47 -1.49
CA MET B 83 -19.46 -2.05 -1.24
C MET B 83 -19.62 -1.78 0.24
N PHE B 84 -18.56 -1.31 0.89
CA PHE B 84 -18.50 -1.18 2.34
C PHE B 84 -18.72 0.28 2.71
N ASP B 85 -19.86 0.57 3.32
CA ASP B 85 -20.19 1.91 3.78
C ASP B 85 -19.80 2.01 5.26
N VAL B 86 -18.82 2.85 5.55
CA VAL B 86 -18.36 3.03 6.92
C VAL B 86 -19.33 3.94 7.65
N GLY B 87 -19.88 3.45 8.76
CA GLY B 87 -20.92 4.17 9.47
C GLY B 87 -20.47 4.91 10.71
N ALA B 88 -20.76 4.34 11.88
CA ALA B 88 -20.52 5.01 13.16
C ALA B 88 -19.05 4.91 13.52
N GLN B 89 -18.29 5.94 13.12
CA GLN B 89 -16.90 6.09 13.50
C GLN B 89 -16.64 7.53 13.93
N ARG B 90 -15.46 7.75 14.49
CA ARG B 90 -15.05 9.09 14.90
C ARG B 90 -14.67 9.91 13.66
N ASP B 91 -14.69 11.23 13.82
CA ASP B 91 -14.55 12.16 12.70
C ASP B 91 -13.17 12.10 12.05
N GLU B 92 -12.12 11.85 12.84
CA GLU B 92 -10.78 11.71 12.28
C GLU B 92 -10.67 10.41 11.51
N ARG B 93 -10.27 10.51 10.24
CA ARG B 93 -10.25 9.37 9.34
C ARG B 93 -8.85 9.05 8.80
N ARG B 94 -7.81 9.63 9.37
CA ARG B 94 -6.47 9.46 8.82
C ARG B 94 -5.80 8.15 9.24
N LYS B 95 -6.48 7.30 10.01
CA LYS B 95 -5.89 6.04 10.43
C LYS B 95 -6.62 4.81 9.93
N TRP B 96 -7.96 4.83 9.91
CA TRP B 96 -8.69 3.68 9.39
C TRP B 96 -8.83 3.71 7.87
N ILE B 97 -8.40 4.78 7.21
CA ILE B 97 -8.42 4.80 5.74
C ILE B 97 -7.28 3.96 5.17
N GLN B 98 -6.27 3.64 5.98
CA GLN B 98 -5.12 2.86 5.52
C GLN B 98 -5.51 1.42 5.23
N CYS B 99 -6.55 0.92 5.91
CA CYS B 99 -7.06 -0.43 5.69
C CYS B 99 -7.52 -0.64 4.25
N PHE B 100 -8.12 0.38 3.65
CA PHE B 100 -8.84 0.27 2.40
C PHE B 100 -7.95 0.48 1.18
N ASN B 101 -6.64 0.26 1.29
CA ASN B 101 -5.79 0.37 0.10
C ASN B 101 -5.98 -0.78 -0.87
N ASP B 102 -6.41 -1.94 -0.39
CA ASP B 102 -6.56 -3.13 -1.23
C ASP B 102 -7.82 -3.12 -2.10
N VAL B 103 -8.69 -2.11 -1.97
CA VAL B 103 -9.93 -2.12 -2.73
C VAL B 103 -9.65 -1.80 -4.20
N THR B 104 -10.61 -2.19 -5.06
CA THR B 104 -10.45 -1.94 -6.49
C THR B 104 -10.72 -0.48 -6.85
N ALA B 105 -11.60 0.18 -6.10
CA ALA B 105 -11.98 1.56 -6.39
C ALA B 105 -12.64 2.15 -5.15
N ILE B 106 -12.67 3.49 -5.11
CA ILE B 106 -13.27 4.24 -4.02
C ILE B 106 -14.37 5.10 -4.62
N ILE B 107 -15.61 4.86 -4.19
CA ILE B 107 -16.74 5.63 -4.67
C ILE B 107 -16.87 6.87 -3.80
N PHE B 108 -16.84 8.05 -4.41
CA PHE B 108 -16.94 9.31 -3.69
C PHE B 108 -18.23 9.98 -4.14
N VAL B 109 -19.10 10.32 -3.19
CA VAL B 109 -20.38 10.94 -3.47
C VAL B 109 -20.43 12.30 -2.79
N VAL B 110 -20.83 13.34 -3.52
CA VAL B 110 -20.92 14.69 -3.00
C VAL B 110 -22.26 15.31 -3.38
N ASP B 111 -22.66 16.31 -2.61
CA ASP B 111 -23.91 17.04 -2.80
C ASP B 111 -23.55 18.41 -3.35
N SER B 112 -24.02 18.72 -4.55
CA SER B 112 -23.74 20.00 -5.19
C SER B 112 -24.79 21.05 -4.88
N SER B 113 -25.84 20.70 -4.14
CA SER B 113 -26.91 21.65 -3.83
C SER B 113 -26.41 22.77 -2.91
N ASP B 114 -25.67 22.41 -1.87
CA ASP B 114 -25.14 23.39 -0.92
C ASP B 114 -23.74 23.82 -1.36
N TYR B 115 -23.62 25.09 -1.74
CA TYR B 115 -22.36 25.62 -2.24
C TYR B 115 -21.37 25.89 -1.11
N ASN B 116 -21.89 26.26 0.08
CA ASN B 116 -21.01 26.52 1.21
C ASN B 116 -20.30 25.26 1.68
N ARG B 117 -21.00 24.13 1.74
CA ARG B 117 -20.39 22.86 2.13
C ARG B 117 -19.66 22.19 0.99
N LEU B 118 -19.74 22.73 -0.23
CA LEU B 118 -19.00 22.17 -1.37
C LEU B 118 -17.49 22.27 -1.16
N GLN B 119 -17.03 23.41 -0.62
CA GLN B 119 -15.62 23.64 -0.32
C GLN B 119 -15.05 22.53 0.58
N GLU B 120 -15.84 22.11 1.57
CA GLU B 120 -15.44 21.03 2.47
C GLU B 120 -15.23 19.73 1.70
N ALA B 121 -16.12 19.45 0.73
CA ALA B 121 -16.01 18.25 -0.09
C ALA B 121 -14.74 18.28 -0.93
N LEU B 122 -14.38 19.45 -1.46
CA LEU B 122 -13.16 19.59 -2.26
C LEU B 122 -11.93 19.29 -1.42
N ASN B 123 -11.90 19.77 -0.17
CA ASN B 123 -10.79 19.52 0.73
C ASN B 123 -10.69 18.03 1.05
N ASP B 124 -11.84 17.37 1.27
CA ASP B 124 -11.85 15.93 1.55
C ASP B 124 -11.33 15.15 0.34
N PHE B 125 -11.76 15.55 -0.86
CA PHE B 125 -11.30 14.89 -2.08
C PHE B 125 -9.79 15.08 -2.28
N LYS B 126 -9.30 16.29 -2.00
CA LYS B 126 -7.87 16.59 -2.15
C LYS B 126 -7.03 15.75 -1.20
N SER B 127 -7.49 15.59 0.05
CA SER B 127 -6.77 14.78 1.04
C SER B 127 -6.72 13.31 0.62
N ILE B 128 -7.85 12.78 0.13
CA ILE B 128 -7.91 11.40 -0.32
C ILE B 128 -7.01 11.17 -1.53
N TRP B 129 -7.02 12.11 -2.48
CA TRP B 129 -6.22 11.99 -3.69
C TRP B 129 -4.73 12.04 -3.38
N ASN B 130 -4.32 12.94 -2.48
CA ASN B 130 -2.92 13.12 -2.14
C ASN B 130 -2.43 12.18 -1.04
N ASN B 131 -3.31 11.34 -0.50
CA ASN B 131 -2.88 10.35 0.48
C ASN B 131 -1.99 9.31 -0.17
N LYS B 132 -0.92 8.93 0.53
CA LYS B 132 0.13 8.09 -0.04
C LYS B 132 -0.37 6.69 -0.37
N TRP B 133 -1.17 6.09 0.52
CA TRP B 133 -1.64 4.74 0.26
C TRP B 133 -2.84 4.71 -0.69
N LEU B 134 -3.51 5.84 -0.89
CA LEU B 134 -4.61 5.93 -1.82
C LEU B 134 -4.15 6.36 -3.22
N ARG B 135 -2.83 6.39 -3.45
CA ARG B 135 -2.29 6.76 -4.76
C ARG B 135 -2.59 5.71 -5.82
N THR B 136 -2.58 4.43 -5.45
CA THR B 136 -2.83 3.38 -6.43
C THR B 136 -4.29 3.34 -6.85
N ILE B 137 -5.20 3.64 -5.92
CA ILE B 137 -6.62 3.45 -6.16
C ILE B 137 -7.17 4.59 -7.01
N SER B 138 -8.00 4.24 -8.00
CA SER B 138 -8.78 5.23 -8.72
C SER B 138 -9.98 5.67 -7.88
N VAL B 139 -10.52 6.83 -8.24
CA VAL B 139 -11.67 7.41 -7.53
C VAL B 139 -12.81 7.59 -8.51
N ILE B 140 -13.98 7.07 -8.17
CA ILE B 140 -15.17 7.16 -9.01
C ILE B 140 -16.09 8.18 -8.36
N LEU B 141 -16.48 9.20 -9.13
CA LEU B 141 -17.05 10.42 -8.61
C LEU B 141 -18.50 10.53 -9.02
N PHE B 142 -19.37 10.85 -8.06
CA PHE B 142 -20.79 11.02 -8.30
C PHE B 142 -21.22 12.40 -7.82
N LEU B 143 -21.77 13.20 -8.72
CA LEU B 143 -22.20 14.56 -8.41
C LEU B 143 -23.71 14.51 -8.23
N ASN B 144 -24.12 14.15 -7.01
CA ASN B 144 -25.50 13.83 -6.69
C ASN B 144 -26.39 15.08 -6.69
N LYS B 145 -27.70 14.85 -6.82
CA LYS B 145 -28.76 15.84 -6.67
C LYS B 145 -28.66 16.95 -7.72
N GLN B 146 -28.67 16.52 -8.98
CA GLN B 146 -28.61 17.44 -10.11
C GLN B 146 -29.93 18.17 -10.33
N ASP B 147 -31.05 17.47 -10.09
CA ASP B 147 -32.38 18.08 -10.18
C ASP B 147 -32.52 19.29 -9.24
N LEU B 148 -31.95 19.22 -8.04
CA LEU B 148 -31.96 20.36 -7.13
C LEU B 148 -31.20 21.55 -7.68
N LEU B 149 -30.10 21.31 -8.41
CA LEU B 149 -29.32 22.38 -9.03
C LEU B 149 -30.14 23.20 -10.02
N ALA B 150 -30.93 22.53 -10.86
CA ALA B 150 -31.84 23.19 -11.79
C ALA B 150 -32.81 24.12 -11.07
N GLU B 151 -33.61 23.56 -10.14
CA GLU B 151 -34.61 24.31 -9.40
C GLU B 151 -34.01 25.48 -8.61
N LYS B 152 -32.80 25.32 -8.08
CA LYS B 152 -32.19 26.38 -7.26
C LYS B 152 -31.81 27.61 -8.08
N VAL B 153 -31.29 27.39 -9.30
CA VAL B 153 -30.82 28.50 -10.16
C VAL B 153 -31.97 29.46 -10.51
N LEU B 154 -33.19 28.93 -10.61
CA LEU B 154 -34.37 29.72 -10.98
C LEU B 154 -34.77 30.75 -9.92
N ALA B 155 -34.21 30.66 -8.70
CA ALA B 155 -34.52 31.61 -7.63
C ALA B 155 -34.14 33.04 -8.00
N GLY B 156 -33.04 33.22 -8.74
CA GLY B 156 -32.57 34.52 -9.11
C GLY B 156 -31.33 35.00 -8.39
N LYS B 157 -30.96 34.35 -7.29
CA LYS B 157 -29.77 34.70 -6.52
C LYS B 157 -28.72 33.62 -6.72
N SER B 158 -27.58 34.00 -7.30
CA SER B 158 -26.50 33.06 -7.58
C SER B 158 -25.62 32.93 -6.34
N LYS B 159 -25.73 31.80 -5.65
CA LYS B 159 -24.89 31.53 -4.49
C LYS B 159 -23.45 31.24 -4.91
N ILE B 160 -23.27 30.53 -6.02
CA ILE B 160 -21.96 29.98 -6.41
C ILE B 160 -20.96 31.10 -6.71
N GLU B 161 -21.41 32.22 -7.29
CA GLU B 161 -20.50 33.30 -7.65
C GLU B 161 -19.99 34.04 -6.41
N ASP B 162 -20.76 34.05 -5.32
CA ASP B 162 -20.26 34.53 -4.04
C ASP B 162 -19.13 33.64 -3.53
N TYR B 163 -19.42 32.34 -3.33
CA TYR B 163 -18.43 31.40 -2.82
C TYR B 163 -17.28 31.13 -3.78
N PHE B 164 -17.46 31.37 -5.08
CA PHE B 164 -16.41 31.15 -6.07
C PHE B 164 -16.28 32.35 -6.99
N PRO B 165 -15.19 33.11 -6.90
CA PRO B 165 -14.99 34.23 -7.85
C PRO B 165 -14.65 33.78 -9.24
N GLU B 166 -14.13 32.56 -9.40
CA GLU B 166 -13.78 32.00 -10.71
C GLU B 166 -14.99 31.83 -11.62
N PHE B 167 -16.20 31.79 -11.08
CA PHE B 167 -17.40 31.52 -11.87
C PHE B 167 -17.99 32.78 -12.46
N ALA B 168 -17.51 33.96 -12.06
CA ALA B 168 -17.85 35.18 -12.76
C ALA B 168 -17.14 35.30 -14.10
N ARG B 169 -16.02 34.61 -14.28
CA ARG B 169 -15.26 34.60 -15.53
C ARG B 169 -15.00 33.14 -15.88
N TYR B 170 -15.96 32.53 -16.59
CA TYR B 170 -15.87 31.12 -16.94
C TYR B 170 -16.79 30.87 -18.13
N THR B 171 -16.33 30.00 -19.05
CA THR B 171 -17.09 29.65 -20.23
C THR B 171 -17.37 28.16 -20.24
N THR B 172 -18.44 27.78 -20.95
CA THR B 172 -18.83 26.38 -21.07
C THR B 172 -17.81 25.65 -21.93
N PRO B 173 -17.30 24.48 -21.49
CA PRO B 173 -16.35 23.73 -22.31
C PRO B 173 -17.01 23.16 -23.57
N GLU B 174 -16.31 23.30 -24.70
CA GLU B 174 -16.81 22.77 -25.97
C GLU B 174 -16.79 21.25 -26.01
N ASP B 175 -15.96 20.61 -25.17
CA ASP B 175 -15.94 19.15 -25.12
C ASP B 175 -17.21 18.60 -24.48
N ALA B 176 -17.82 19.36 -23.58
CA ALA B 176 -19.02 18.91 -22.88
C ALA B 176 -20.23 18.89 -23.82
N THR B 177 -21.10 17.91 -23.59
CA THR B 177 -22.34 17.77 -24.35
C THR B 177 -23.54 18.01 -23.44
N PRO B 178 -24.24 19.13 -23.59
CA PRO B 178 -25.39 19.39 -22.73
C PRO B 178 -26.62 18.58 -23.13
N GLU B 179 -27.43 18.26 -22.12
CA GLU B 179 -28.69 17.60 -22.37
C GLU B 179 -29.69 18.59 -22.99
N PRO B 180 -30.61 18.12 -23.85
CA PRO B 180 -31.45 19.07 -24.60
C PRO B 180 -32.50 19.79 -23.75
N GLY B 181 -32.94 19.20 -22.64
CA GLY B 181 -33.99 19.80 -21.85
C GLY B 181 -33.51 20.55 -20.63
N GLU B 182 -32.33 21.15 -20.72
CA GLU B 182 -31.72 21.86 -19.61
C GLU B 182 -31.39 23.29 -19.97
N ASP B 183 -31.48 24.17 -18.98
CA ASP B 183 -31.05 25.55 -19.11
C ASP B 183 -29.54 25.59 -19.36
N PRO B 184 -29.07 26.35 -20.37
CA PRO B 184 -27.61 26.59 -20.52
C PRO B 184 -26.93 27.17 -19.29
N ARG B 185 -27.63 28.00 -18.50
CA ARG B 185 -27.10 28.50 -17.24
C ARG B 185 -26.75 27.36 -16.29
N VAL B 186 -27.70 26.43 -16.09
CA VAL B 186 -27.51 25.28 -15.21
C VAL B 186 -26.37 24.38 -15.68
N THR B 187 -26.20 24.24 -17.01
CA THR B 187 -25.15 23.37 -17.52
C THR B 187 -23.75 23.95 -17.32
N ARG B 188 -23.63 25.28 -17.32
CA ARG B 188 -22.36 25.92 -16.95
C ARG B 188 -21.98 25.58 -15.51
N ALA B 189 -22.95 25.63 -14.60
CA ALA B 189 -22.70 25.34 -13.19
C ALA B 189 -22.28 23.89 -12.97
N LYS B 190 -22.90 22.94 -13.69
CA LYS B 190 -22.60 21.52 -13.50
C LYS B 190 -21.17 21.16 -13.85
N TYR B 191 -20.71 21.60 -15.03
CA TYR B 191 -19.35 21.29 -15.45
C TYR B 191 -18.30 22.09 -14.69
N PHE B 192 -18.66 23.23 -14.11
CA PHE B 192 -17.68 24.02 -13.36
C PHE B 192 -17.40 23.39 -12.00
N ILE B 193 -18.40 22.74 -11.41
CA ILE B 193 -18.18 21.89 -10.24
C ILE B 193 -17.28 20.72 -10.61
N ARG B 194 -17.64 20.02 -11.70
CA ARG B 194 -16.88 18.89 -12.24
C ARG B 194 -15.41 19.25 -12.47
N ASP B 195 -15.13 20.44 -13.02
CA ASP B 195 -13.77 20.87 -13.31
C ASP B 195 -12.93 21.08 -12.05
N GLU B 196 -13.57 21.55 -10.96
CA GLU B 196 -12.89 21.70 -9.66
C GLU B 196 -12.24 20.39 -9.21
N PHE B 197 -13.00 19.29 -9.26
CA PHE B 197 -12.47 17.99 -8.85
C PHE B 197 -11.39 17.49 -9.81
N LEU B 198 -11.50 17.82 -11.10
CA LEU B 198 -10.49 17.42 -12.06
C LEU B 198 -9.21 18.24 -11.97
N ARG B 199 -9.29 19.46 -11.43
CA ARG B 199 -8.09 20.29 -11.28
C ARG B 199 -7.22 19.79 -10.13
N ILE B 200 -7.84 19.28 -9.07
CA ILE B 200 -7.09 18.61 -8.00
C ILE B 200 -6.44 17.33 -8.53
N SER B 201 -7.13 16.61 -9.42
CA SER B 201 -6.65 15.32 -9.90
C SER B 201 -5.58 15.44 -10.98
N THR B 202 -5.55 16.55 -11.70
CA THR B 202 -4.55 16.75 -12.75
C THR B 202 -3.30 17.41 -12.21
N ALA B 203 -3.42 18.17 -11.11
CA ALA B 203 -2.29 18.79 -10.42
C ALA B 203 -1.20 17.79 -10.05
N SER B 204 -1.59 16.62 -9.53
CA SER B 204 -0.63 15.61 -9.10
C SER B 204 0.10 15.00 -10.30
N GLY B 205 -0.65 14.51 -11.28
CA GLY B 205 -0.04 13.91 -12.46
C GLY B 205 0.66 12.60 -12.21
N ASP B 206 0.05 11.70 -11.42
CA ASP B 206 0.70 10.44 -11.09
C ASP B 206 0.69 9.49 -12.28
N GLY B 207 -0.46 9.34 -12.94
CA GLY B 207 -0.59 8.41 -14.04
C GLY B 207 -0.97 7.00 -13.63
N ARG B 208 -1.03 6.71 -12.33
CA ARG B 208 -1.42 5.39 -11.84
C ARG B 208 -2.92 5.27 -11.65
N HIS B 209 -3.62 6.38 -11.43
CA HIS B 209 -5.03 6.34 -11.10
C HIS B 209 -5.71 7.60 -11.65
N TYR B 210 -7.02 7.50 -11.86
CA TYR B 210 -7.76 8.57 -12.52
C TYR B 210 -9.05 8.84 -11.75
N CYS B 211 -9.82 9.83 -12.22
CA CYS B 211 -11.04 10.29 -11.56
C CYS B 211 -12.17 10.30 -12.57
N TYR B 212 -13.20 9.49 -12.32
CA TYR B 212 -14.30 9.29 -13.25
C TYR B 212 -15.53 10.09 -12.81
N PRO B 213 -15.91 11.15 -13.53
CA PRO B 213 -17.05 11.96 -13.08
C PRO B 213 -18.37 11.52 -13.70
N HIS B 214 -19.41 11.52 -12.88
CA HIS B 214 -20.73 11.08 -13.31
C HIS B 214 -21.81 11.99 -12.75
N PHE B 215 -22.88 12.17 -13.53
CA PHE B 215 -24.01 13.00 -13.15
C PHE B 215 -25.15 12.10 -12.68
N THR B 216 -25.08 11.67 -11.43
CA THR B 216 -26.14 10.86 -10.87
C THR B 216 -27.23 11.76 -10.26
N CYS B 217 -28.26 11.14 -9.69
CA CYS B 217 -29.37 11.87 -9.10
C CYS B 217 -29.99 10.99 -8.02
N SER B 218 -31.20 11.37 -7.58
CA SER B 218 -31.90 10.64 -6.54
C SER B 218 -32.64 9.42 -7.09
N VAL B 219 -33.23 9.53 -8.28
CA VAL B 219 -33.90 8.41 -8.91
C VAL B 219 -33.13 8.02 -10.17
N ASP B 220 -32.22 7.04 -10.02
CA ASP B 220 -31.42 6.53 -11.13
C ASP B 220 -31.28 5.03 -10.98
N THR B 221 -31.67 4.30 -12.03
CA THR B 221 -31.47 2.85 -12.08
C THR B 221 -30.11 2.50 -12.68
N GLU B 222 -29.57 3.37 -13.54
CA GLU B 222 -28.37 3.10 -14.33
C GLU B 222 -27.07 3.13 -13.52
N ASN B 223 -27.11 3.42 -12.21
CA ASN B 223 -25.89 3.57 -11.43
C ASN B 223 -25.12 2.25 -11.28
N ALA B 224 -25.82 1.12 -11.29
CA ALA B 224 -25.15 -0.16 -11.17
C ALA B 224 -24.33 -0.46 -12.42
N ARG B 225 -24.84 -0.07 -13.58
CA ARG B 225 -24.11 -0.26 -14.83
C ARG B 225 -22.91 0.68 -14.92
N ARG B 226 -23.04 1.88 -14.35
CA ARG B 226 -21.96 2.86 -14.38
C ARG B 226 -20.76 2.39 -13.58
N ILE B 227 -20.99 1.92 -12.35
CA ILE B 227 -19.92 1.40 -11.52
C ILE B 227 -19.31 0.13 -12.14
N PHE B 228 -20.12 -0.65 -12.85
CA PHE B 228 -19.61 -1.79 -13.60
C PHE B 228 -18.68 -1.34 -14.73
N ASN B 229 -19.09 -0.31 -15.48
CA ASN B 229 -18.31 0.16 -16.62
C ASN B 229 -17.01 0.81 -16.16
N ASP B 230 -17.06 1.61 -15.11
CA ASP B 230 -15.85 2.24 -14.58
C ASP B 230 -14.88 1.22 -13.99
N CYS B 231 -15.40 0.11 -13.46
CA CYS B 231 -14.53 -1.00 -13.07
C CYS B 231 -13.81 -1.60 -14.27
N ARG B 232 -14.48 -1.67 -15.42
CA ARG B 232 -13.83 -2.16 -16.64
C ARG B 232 -12.70 -1.22 -17.07
N ASP B 233 -12.88 0.09 -16.88
CA ASP B 233 -11.81 1.03 -17.19
C ASP B 233 -10.64 0.91 -16.22
N ILE B 234 -10.89 0.61 -14.95
CA ILE B 234 -9.81 0.58 -13.96
C ILE B 234 -8.92 -0.65 -14.15
N ILE B 235 -9.51 -1.79 -14.53
CA ILE B 235 -8.70 -3.00 -14.65
C ILE B 235 -8.03 -3.08 -16.02
N GLN B 236 -8.61 -2.45 -17.05
CA GLN B 236 -7.94 -2.38 -18.35
C GLN B 236 -6.71 -1.48 -18.29
N ARG B 237 -6.83 -0.31 -17.65
CA ARG B 237 -5.67 0.58 -17.45
C ARG B 237 -4.57 -0.09 -16.65
N MET B 238 -4.94 -0.98 -15.72
CA MET B 238 -3.94 -1.69 -14.92
C MET B 238 -3.09 -2.61 -15.80
N HIS B 239 -3.75 -3.42 -16.63
CA HIS B 239 -3.02 -4.31 -17.54
C HIS B 239 -2.22 -3.54 -18.57
N LEU B 240 -2.80 -2.48 -19.14
CA LEU B 240 -2.11 -1.66 -20.15
C LEU B 240 -0.84 -1.04 -19.60
N ARG B 241 -0.91 -0.50 -18.38
CA ARG B 241 0.27 0.08 -17.72
C ARG B 241 1.32 -1.00 -17.45
N GLN B 242 0.87 -2.20 -17.06
CA GLN B 242 1.77 -3.30 -16.73
C GLN B 242 2.63 -3.72 -17.93
N TYR B 243 2.04 -3.75 -19.12
CA TYR B 243 2.80 -4.03 -20.33
C TYR B 243 3.40 -2.78 -20.95
N GLU B 244 3.30 -1.64 -20.25
CA GLU B 244 3.87 -0.34 -20.65
C GLU B 244 3.30 0.16 -21.97
N LEU B 245 2.05 -0.18 -22.27
CA LEU B 245 1.41 0.32 -23.47
C LEU B 245 1.02 1.79 -23.31
N LEU B 246 0.38 2.14 -22.20
CA LEU B 246 -0.03 3.53 -21.98
C LEU B 246 1.16 4.40 -21.58
N GLU C 16 -13.70 32.37 33.66
CA GLU C 16 -13.97 30.94 33.81
C GLU C 16 -12.96 30.11 33.01
N LEU C 17 -13.06 30.19 31.68
CA LEU C 17 -12.20 29.38 30.82
C LEU C 17 -10.77 29.91 30.75
N ASP C 18 -10.54 31.16 31.17
CA ASP C 18 -9.24 31.77 31.02
C ASP C 18 -8.37 31.61 32.26
N GLN C 19 -8.99 31.55 33.44
CA GLN C 19 -8.24 31.28 34.67
C GLN C 19 -7.88 29.81 34.80
N LEU C 20 -8.75 28.90 34.35
CA LEU C 20 -8.41 27.48 34.29
C LEU C 20 -7.23 27.21 33.36
N ARG C 21 -7.26 27.77 32.15
CA ARG C 21 -6.18 27.53 31.19
C ARG C 21 -4.88 28.24 31.58
N GLN C 22 -4.95 29.30 32.38
CA GLN C 22 -3.74 29.94 32.87
C GLN C 22 -3.12 29.14 34.01
N GLU C 23 -3.96 28.62 34.91
CA GLU C 23 -3.50 27.69 35.94
C GLU C 23 -2.91 26.42 35.31
N ALA C 24 -3.61 25.86 34.31
CA ALA C 24 -3.09 24.74 33.52
C ALA C 24 -1.74 25.05 32.88
N GLU C 25 -1.49 26.30 32.50
CA GLU C 25 -0.22 26.65 31.87
C GLU C 25 0.88 26.82 32.90
N GLN C 26 0.54 27.26 34.11
CA GLN C 26 1.54 27.36 35.18
C GLN C 26 1.91 25.99 35.74
N LEU C 27 0.96 25.05 35.73
CA LEU C 27 1.27 23.67 36.10
C LEU C 27 2.22 23.01 35.09
N LYS C 28 2.02 23.28 33.81
CA LYS C 28 2.89 22.69 32.79
C LYS C 28 4.27 23.31 32.75
N ASN C 29 4.44 24.52 33.31
CA ASN C 29 5.77 25.08 33.48
C ASN C 29 6.48 24.50 34.69
N GLN C 30 5.72 24.15 35.75
CA GLN C 30 6.29 23.47 36.90
C GLN C 30 6.81 22.07 36.53
N ILE C 31 6.03 21.32 35.74
CA ILE C 31 6.45 20.00 35.27
C ILE C 31 7.73 20.09 34.42
N ARG C 32 7.82 21.11 33.57
CA ARG C 32 9.01 21.27 32.73
C ARG C 32 10.20 21.82 33.49
N ASP C 33 9.98 22.43 34.65
CA ASP C 33 11.08 22.82 35.53
C ASP C 33 11.62 21.61 36.26
N ALA C 34 10.72 20.81 36.85
CA ALA C 34 11.04 19.47 37.39
C ALA C 34 11.87 18.63 36.42
N ARG C 35 11.38 18.46 35.19
CA ARG C 35 12.06 17.63 34.19
C ARG C 35 13.44 18.16 33.82
N LYS C 36 13.65 19.48 33.93
CA LYS C 36 14.93 20.07 33.58
C LYS C 36 15.89 20.12 34.76
N ALA C 37 15.37 20.22 35.99
CA ALA C 37 16.20 20.04 37.18
C ALA C 37 16.76 18.62 37.26
N CYS C 38 15.93 17.62 36.95
CA CYS C 38 16.36 16.22 37.01
C CYS C 38 17.36 15.87 35.91
N ALA C 39 17.37 16.61 34.81
CA ALA C 39 18.23 16.29 33.66
C ALA C 39 19.67 16.69 33.99
N ASP C 40 20.37 15.78 34.66
CA ASP C 40 21.78 16.00 34.96
C ASP C 40 22.65 15.80 33.73
N ALA C 41 22.42 14.71 33.00
CA ALA C 41 23.14 14.42 31.77
C ALA C 41 22.24 13.57 30.88
N THR C 42 22.77 13.19 29.72
CA THR C 42 22.05 12.34 28.78
C THR C 42 22.56 10.90 28.85
N LEU C 43 21.81 10.01 28.20
CA LEU C 43 22.20 8.60 28.18
C LEU C 43 23.39 8.35 27.27
N SER C 44 23.46 9.05 26.14
CA SER C 44 24.49 8.79 25.15
C SER C 44 25.87 9.27 25.60
N GLN C 45 25.93 10.28 26.46
CA GLN C 45 27.20 10.69 27.04
C GLN C 45 27.76 9.63 28.00
N ILE C 46 26.91 9.15 28.92
CA ILE C 46 27.24 8.06 29.83
C ILE C 46 27.72 6.81 29.07
N THR C 47 27.03 6.44 28.00
CA THR C 47 27.29 5.18 27.29
C THR C 47 28.41 5.29 26.26
N ASN C 48 29.33 6.25 26.36
CA ASN C 48 30.39 6.36 25.36
C ASN C 48 31.47 5.32 25.57
N ASN C 49 31.67 4.84 26.80
CA ASN C 49 32.64 3.78 27.08
C ASN C 49 31.94 2.41 27.08
N ILE C 50 31.25 2.13 25.97
CA ILE C 50 30.52 0.89 25.76
C ILE C 50 30.97 0.31 24.43
N ASP C 51 31.28 -0.98 24.41
CA ASP C 51 31.69 -1.65 23.18
C ASP C 51 30.52 -1.72 22.20
N PRO C 52 30.72 -1.38 20.93
CA PRO C 52 29.61 -1.39 19.98
C PRO C 52 29.18 -2.80 19.61
N VAL C 53 27.94 -2.90 19.15
CA VAL C 53 27.37 -4.20 18.79
C VAL C 53 27.94 -4.68 17.47
N GLY C 54 28.08 -3.79 16.50
CA GLY C 54 28.56 -4.16 15.19
C GLY C 54 27.43 -4.55 14.25
N ARG C 55 27.84 -5.07 13.09
CA ARG C 55 26.89 -5.48 12.07
C ARG C 55 26.17 -6.75 12.50
N ILE C 56 24.84 -6.69 12.56
CA ILE C 56 24.01 -7.84 12.87
C ILE C 56 23.26 -8.23 11.60
N GLN C 57 23.60 -9.39 11.05
CA GLN C 57 23.01 -9.88 9.81
C GLN C 57 22.08 -11.05 10.14
N MET C 58 20.81 -10.91 9.77
CA MET C 58 19.82 -11.95 9.97
C MET C 58 19.28 -12.40 8.62
N ARG C 59 18.90 -13.67 8.54
CA ARG C 59 18.45 -14.28 7.29
C ARG C 59 17.04 -14.86 7.49
N THR C 60 16.29 -14.91 6.40
CA THR C 60 14.92 -15.44 6.40
C THR C 60 14.92 -16.95 6.60
N ARG C 61 14.75 -17.39 7.85
CA ARG C 61 14.72 -18.83 8.13
C ARG C 61 13.45 -19.48 7.58
N ARG C 62 12.31 -18.81 7.72
CA ARG C 62 11.04 -19.34 7.23
C ARG C 62 10.25 -18.24 6.54
N THR C 63 9.41 -18.66 5.59
CA THR C 63 8.39 -17.80 5.00
C THR C 63 7.06 -18.52 5.10
N LEU C 64 6.10 -17.91 5.80
CA LEU C 64 4.76 -18.47 5.94
C LEU C 64 3.89 -17.93 4.81
N ARG C 65 3.34 -18.85 4.01
CA ARG C 65 2.60 -18.48 2.80
C ARG C 65 1.19 -19.04 2.86
N GLY C 66 0.22 -18.28 2.35
CA GLY C 66 -1.15 -18.74 2.33
C GLY C 66 -2.20 -17.68 2.60
N HIS C 67 -1.76 -16.46 2.92
CA HIS C 67 -2.69 -15.36 3.09
C HIS C 67 -3.10 -14.76 1.75
N LEU C 68 -4.29 -14.17 1.72
CA LEU C 68 -4.83 -13.54 0.52
C LEU C 68 -4.68 -12.02 0.53
N ALA C 69 -5.03 -11.38 1.64
CA ALA C 69 -4.93 -9.93 1.77
C ALA C 69 -3.76 -9.58 2.68
N LYS C 70 -3.61 -8.29 2.97
CA LYS C 70 -2.48 -7.81 3.73
C LYS C 70 -2.60 -8.19 5.20
N ILE C 71 -1.44 -8.44 5.82
CA ILE C 71 -1.39 -8.91 7.21
C ILE C 71 -1.16 -7.69 8.10
N TYR C 72 -2.18 -7.35 8.92
CA TYR C 72 -2.11 -6.11 9.68
C TYR C 72 -1.43 -6.30 11.03
N ALA C 73 -1.70 -7.39 11.74
CA ALA C 73 -1.15 -7.59 13.08
C ALA C 73 -0.91 -9.07 13.32
N MET C 74 -0.03 -9.36 14.28
CA MET C 74 0.31 -10.73 14.66
C MET C 74 0.86 -10.74 16.08
N HIS C 75 0.74 -11.89 16.74
CA HIS C 75 1.13 -12.02 18.14
C HIS C 75 1.63 -13.43 18.39
N TRP C 76 2.80 -13.54 19.03
CA TRP C 76 3.39 -14.83 19.35
C TRP C 76 2.64 -15.56 20.46
N GLY C 77 3.05 -16.80 20.70
CA GLY C 77 2.61 -17.56 21.85
C GLY C 77 3.65 -17.52 22.97
N THR C 78 3.22 -17.96 24.15
CA THR C 78 4.12 -17.98 25.31
C THR C 78 5.09 -19.14 25.28
N ASP C 79 4.83 -20.16 24.47
CA ASP C 79 5.75 -21.26 24.25
C ASP C 79 6.67 -21.04 23.06
N SER C 80 6.58 -19.87 22.41
CA SER C 80 7.36 -19.48 21.23
C SER C 80 7.17 -20.45 20.07
N ARG C 81 5.98 -21.05 19.98
CA ARG C 81 5.68 -22.08 18.99
C ARG C 81 4.62 -21.63 18.01
N LEU C 82 3.45 -21.23 18.50
CA LEU C 82 2.31 -20.90 17.66
C LEU C 82 2.14 -19.38 17.64
N LEU C 83 2.05 -18.81 16.44
CA LEU C 83 1.72 -17.40 16.28
C LEU C 83 0.37 -17.28 15.58
N VAL C 84 -0.48 -16.39 16.10
CA VAL C 84 -1.66 -15.93 15.39
C VAL C 84 -1.26 -14.85 14.40
N SER C 85 -1.77 -14.93 13.18
CA SER C 85 -1.69 -13.85 12.21
C SER C 85 -3.09 -13.44 11.75
N ALA C 86 -3.31 -12.13 11.63
CA ALA C 86 -4.60 -11.58 11.24
C ALA C 86 -4.46 -10.83 9.93
N SER C 87 -5.39 -11.08 9.00
CA SER C 87 -5.32 -10.53 7.65
C SER C 87 -6.66 -9.87 7.32
N GLN C 88 -6.66 -9.11 6.23
CA GLN C 88 -7.83 -8.34 5.81
C GLN C 88 -8.77 -9.13 4.91
N ASP C 89 -8.48 -10.40 4.65
CA ASP C 89 -9.36 -11.23 3.82
C ASP C 89 -10.51 -11.85 4.61
N GLY C 90 -10.52 -11.68 5.93
CA GLY C 90 -11.49 -12.35 6.77
C GLY C 90 -11.06 -13.69 7.30
N LYS C 91 -9.75 -13.95 7.33
CA LYS C 91 -9.21 -15.22 7.79
C LYS C 91 -8.23 -14.97 8.92
N LEU C 92 -8.41 -15.68 10.02
CA LEU C 92 -7.48 -15.66 11.15
C LEU C 92 -6.76 -17.01 11.19
N ILE C 93 -5.49 -17.01 10.83
CA ILE C 93 -4.72 -18.25 10.65
C ILE C 93 -3.74 -18.39 11.81
N ILE C 94 -3.89 -19.44 12.59
CA ILE C 94 -2.91 -19.82 13.60
C ILE C 94 -1.82 -20.65 12.93
N TRP C 95 -0.59 -20.15 12.96
CA TRP C 95 0.55 -20.80 12.32
C TRP C 95 1.32 -21.65 13.31
N ASP C 96 2.11 -22.58 12.76
CA ASP C 96 3.19 -23.25 13.49
C ASP C 96 4.50 -22.78 12.89
N SER C 97 5.36 -22.18 13.72
CA SER C 97 6.56 -21.52 13.22
C SER C 97 7.67 -22.50 12.84
N TYR C 98 7.69 -23.70 13.43
CA TYR C 98 8.78 -24.63 13.17
C TYR C 98 8.57 -25.39 11.86
N THR C 99 7.38 -25.94 11.65
CA THR C 99 7.11 -26.83 10.54
C THR C 99 6.28 -26.19 9.43
N THR C 100 5.99 -24.88 9.53
CA THR C 100 5.21 -24.10 8.56
C THR C 100 3.83 -24.70 8.31
N ASN C 101 3.22 -25.25 9.35
CA ASN C 101 1.89 -25.86 9.25
C ASN C 101 0.84 -24.93 9.84
N LYS C 102 -0.30 -24.86 9.16
CA LYS C 102 -1.43 -24.07 9.63
C LYS C 102 -2.25 -24.92 10.57
N VAL C 103 -2.11 -24.70 11.87
CA VAL C 103 -2.78 -25.55 12.85
C VAL C 103 -4.26 -25.18 12.99
N HIS C 104 -4.64 -23.95 12.64
CA HIS C 104 -6.04 -23.55 12.60
C HIS C 104 -6.21 -22.45 11.56
N ALA C 105 -7.43 -22.36 11.02
CA ALA C 105 -7.83 -21.26 10.15
C ALA C 105 -9.28 -20.93 10.46
N ILE C 106 -9.53 -19.67 10.82
CA ILE C 106 -10.79 -19.26 11.41
C ILE C 106 -11.45 -18.26 10.46
N PRO C 107 -12.71 -18.48 10.07
CA PRO C 107 -13.37 -17.51 9.19
C PRO C 107 -14.06 -16.43 10.00
N LEU C 108 -13.75 -15.17 9.70
CA LEU C 108 -14.17 -14.05 10.53
C LEU C 108 -15.42 -13.40 9.95
N ARG C 109 -16.24 -12.85 10.83
CA ARG C 109 -17.49 -12.21 10.42
C ARG C 109 -17.21 -10.93 9.64
N SER C 110 -16.40 -10.04 10.20
CA SER C 110 -15.98 -8.83 9.51
C SER C 110 -14.64 -9.07 8.83
N SER C 111 -14.54 -8.68 7.56
CA SER C 111 -13.30 -8.87 6.82
C SER C 111 -12.22 -7.88 7.23
N TRP C 112 -12.59 -6.75 7.84
CA TRP C 112 -11.64 -5.68 8.14
C TRP C 112 -11.18 -5.86 9.59
N VAL C 113 -9.96 -6.37 9.74
CA VAL C 113 -9.40 -6.75 11.03
C VAL C 113 -8.19 -5.84 11.31
N MET C 114 -8.10 -5.34 12.55
CA MET C 114 -7.03 -4.43 12.92
C MET C 114 -6.17 -4.90 14.08
N THR C 115 -6.52 -6.02 14.73
CA THR C 115 -5.74 -6.52 15.86
C THR C 115 -6.05 -7.99 16.07
N CYS C 116 -5.13 -8.66 16.77
CA CYS C 116 -5.32 -10.05 17.16
C CYS C 116 -4.46 -10.33 18.38
N ALA C 117 -4.98 -11.16 19.28
CA ALA C 117 -4.35 -11.44 20.56
C ALA C 117 -4.33 -12.94 20.80
N TYR C 118 -3.31 -13.41 21.51
CA TYR C 118 -3.19 -14.81 21.87
C TYR C 118 -3.10 -14.93 23.38
N ALA C 119 -3.91 -15.82 23.96
CA ALA C 119 -4.00 -15.98 25.40
C ALA C 119 -2.68 -16.54 25.96
N PRO C 120 -2.33 -16.20 27.21
CA PRO C 120 -1.13 -16.77 27.81
C PRO C 120 -1.24 -18.26 28.11
N SER C 121 -2.46 -18.78 28.30
CA SER C 121 -2.67 -20.21 28.42
C SER C 121 -2.86 -20.89 27.08
N GLY C 122 -3.05 -20.13 26.00
CA GLY C 122 -3.25 -20.69 24.68
C GLY C 122 -4.64 -21.19 24.39
N ASN C 123 -5.60 -20.90 25.27
CA ASN C 123 -6.95 -21.43 25.09
C ASN C 123 -7.80 -20.57 24.16
N TYR C 124 -7.61 -19.25 24.17
CA TYR C 124 -8.46 -18.35 23.41
C TYR C 124 -7.61 -17.51 22.45
N VAL C 125 -8.27 -17.02 21.38
CA VAL C 125 -7.74 -15.98 20.51
C VAL C 125 -8.82 -14.92 20.36
N ALA C 126 -8.42 -13.65 20.43
CA ALA C 126 -9.32 -12.52 20.20
C ALA C 126 -8.92 -11.76 18.95
N CYS C 127 -9.92 -11.18 18.28
CA CYS C 127 -9.66 -10.31 17.13
C CYS C 127 -10.60 -9.11 17.18
N GLY C 128 -10.11 -7.99 16.66
CA GLY C 128 -10.91 -6.77 16.56
C GLY C 128 -10.91 -6.23 15.14
N GLY C 129 -11.41 -5.02 14.95
CA GLY C 129 -11.39 -4.42 13.63
C GLY C 129 -12.33 -3.22 13.55
N LEU C 130 -12.75 -2.92 12.32
CA LEU C 130 -13.61 -1.78 12.03
C LEU C 130 -15.07 -2.01 12.43
N ASP C 131 -15.44 -3.24 12.82
CA ASP C 131 -16.79 -3.53 13.27
C ASP C 131 -17.00 -3.23 14.75
N ASN C 132 -16.07 -2.50 15.37
CA ASN C 132 -15.96 -2.07 16.77
C ASN C 132 -16.43 -3.11 17.80
N ILE C 133 -16.07 -4.37 17.55
CA ILE C 133 -16.45 -5.50 18.38
C ILE C 133 -15.23 -6.41 18.54
N CYS C 134 -14.87 -6.72 19.79
CA CYS C 134 -13.85 -7.71 20.06
C CYS C 134 -14.50 -9.08 20.16
N SER C 135 -14.07 -10.01 19.29
CA SER C 135 -14.62 -11.35 19.22
C SER C 135 -13.59 -12.31 19.78
N ILE C 136 -13.96 -13.05 20.81
CA ILE C 136 -13.10 -14.09 21.39
C ILE C 136 -13.49 -15.43 20.80
N TYR C 137 -12.49 -16.17 20.34
CA TYR C 137 -12.68 -17.51 19.78
C TYR C 137 -12.08 -18.54 20.72
N ASN C 138 -12.84 -19.60 20.99
CA ASN C 138 -12.36 -20.73 21.78
C ASN C 138 -11.64 -21.73 20.88
N LEU C 139 -10.62 -22.38 21.45
CA LEU C 139 -9.83 -23.36 20.72
C LEU C 139 -9.86 -24.74 21.36
N LYS C 140 -10.64 -24.92 22.42
CA LYS C 140 -10.72 -26.18 23.16
C LYS C 140 -12.13 -26.77 23.11
N THR C 141 -12.84 -26.54 22.01
CA THR C 141 -14.18 -27.06 21.85
C THR C 141 -14.15 -28.58 21.67
N ARG C 142 -15.04 -29.27 22.40
CA ARG C 142 -15.13 -30.73 22.30
C ARG C 142 -15.58 -31.18 20.92
N GLU C 143 -16.36 -30.37 20.22
CA GLU C 143 -16.76 -30.69 18.85
C GLU C 143 -15.58 -30.60 17.89
N GLY C 144 -14.62 -29.71 18.18
CA GLY C 144 -13.47 -29.51 17.33
C GLY C 144 -13.55 -28.31 16.42
N ASN C 145 -14.71 -27.66 16.34
CA ASN C 145 -14.90 -26.51 15.48
C ASN C 145 -14.73 -25.23 16.29
N VAL C 146 -14.06 -24.24 15.70
CA VAL C 146 -13.90 -22.94 16.33
C VAL C 146 -15.20 -22.17 16.25
N ARG C 147 -15.54 -21.46 17.33
CA ARG C 147 -16.82 -20.79 17.45
C ARG C 147 -16.63 -19.49 18.24
N VAL C 148 -17.49 -18.52 17.97
CA VAL C 148 -17.47 -17.25 18.67
C VAL C 148 -17.89 -17.48 20.12
N SER C 149 -16.98 -17.17 21.06
CA SER C 149 -17.30 -17.43 22.46
C SER C 149 -18.11 -16.32 23.10
N ARG C 150 -17.87 -15.07 22.68
CA ARG C 150 -18.59 -13.87 23.12
C ARG C 150 -18.15 -12.73 22.23
N GLU C 151 -19.02 -11.71 22.13
CA GLU C 151 -18.73 -10.50 21.38
C GLU C 151 -18.99 -9.31 22.29
N LEU C 152 -18.09 -8.32 22.23
CA LEU C 152 -18.13 -7.16 23.11
C LEU C 152 -18.34 -5.91 22.26
N ALA C 153 -19.49 -5.25 22.43
CA ALA C 153 -19.91 -4.16 21.57
C ALA C 153 -20.11 -2.86 22.36
N GLY C 154 -19.17 -2.55 23.25
CA GLY C 154 -19.27 -1.35 24.06
C GLY C 154 -18.75 -0.08 23.40
N HIS C 155 -17.65 -0.19 22.68
CA HIS C 155 -16.98 0.98 22.14
C HIS C 155 -17.75 1.56 20.94
N THR C 156 -17.45 2.82 20.64
CA THR C 156 -18.02 3.53 19.50
C THR C 156 -17.10 3.50 18.29
N GLY C 157 -15.86 3.96 18.46
CA GLY C 157 -14.90 3.93 17.39
C GLY C 157 -14.29 2.55 17.19
N TYR C 158 -13.49 2.44 16.12
CA TYR C 158 -12.89 1.18 15.71
C TYR C 158 -11.95 0.64 16.78
N LEU C 159 -11.74 -0.68 16.76
CA LEU C 159 -10.88 -1.34 17.73
C LEU C 159 -9.49 -1.51 17.13
N SER C 160 -8.48 -1.14 17.90
CA SER C 160 -7.14 -0.90 17.36
C SER C 160 -6.11 -1.90 17.88
N CYS C 161 -5.94 -2.03 19.19
CA CYS C 161 -5.11 -3.08 19.76
C CYS C 161 -5.77 -3.68 21.00
N CYS C 162 -5.77 -5.01 21.09
CA CYS C 162 -6.32 -5.71 22.25
C CYS C 162 -5.35 -6.80 22.68
N ARG C 163 -5.17 -6.93 24.00
CA ARG C 163 -4.17 -7.82 24.57
C ARG C 163 -4.74 -8.50 25.81
N PHE C 164 -4.42 -9.78 26.00
CA PHE C 164 -4.90 -10.54 27.14
C PHE C 164 -4.04 -10.29 28.37
N LEU C 165 -4.68 -9.84 29.47
CA LEU C 165 -4.05 -9.97 30.78
C LEU C 165 -4.01 -11.43 31.20
N ASP C 166 -5.15 -12.11 31.12
CA ASP C 166 -5.28 -13.52 31.44
C ASP C 166 -6.47 -14.07 30.66
N ASP C 167 -6.95 -15.25 31.05
CA ASP C 167 -8.14 -15.82 30.43
C ASP C 167 -9.43 -15.15 30.88
N ASN C 168 -9.38 -14.26 31.86
CA ASN C 168 -10.58 -13.65 32.43
C ASN C 168 -10.73 -12.18 32.07
N GLN C 169 -9.64 -11.43 31.94
CA GLN C 169 -9.71 -9.99 31.68
C GLN C 169 -8.87 -9.64 30.46
N ILE C 170 -9.47 -8.92 29.52
CA ILE C 170 -8.79 -8.45 28.31
C ILE C 170 -8.85 -6.92 28.29
N VAL C 171 -7.74 -6.29 27.86
CA VAL C 171 -7.65 -4.84 27.76
C VAL C 171 -7.67 -4.50 26.28
N THR C 172 -8.45 -3.48 25.92
CA THR C 172 -8.66 -3.11 24.53
C THR C 172 -8.38 -1.62 24.32
N SER C 173 -8.00 -1.27 23.10
CA SER C 173 -7.72 0.11 22.70
C SER C 173 -8.63 0.47 21.54
N SER C 174 -9.62 1.31 21.81
CA SER C 174 -10.58 1.70 20.79
C SER C 174 -10.04 2.87 19.98
N GLY C 175 -10.88 3.42 19.10
CA GLY C 175 -10.55 4.60 18.34
C GLY C 175 -11.31 5.84 18.76
N ASP C 176 -12.14 5.73 19.80
CA ASP C 176 -12.91 6.87 20.30
C ASP C 176 -12.28 7.49 21.55
N THR C 177 -10.93 7.52 21.58
CA THR C 177 -10.11 8.08 22.65
C THR C 177 -10.34 7.39 24.00
N THR C 178 -10.78 6.13 23.99
CA THR C 178 -11.16 5.43 25.21
C THR C 178 -10.55 4.04 25.23
N CYS C 179 -9.90 3.69 26.34
CA CYS C 179 -9.46 2.33 26.61
C CYS C 179 -10.35 1.75 27.70
N ALA C 180 -10.79 0.51 27.52
CA ALA C 180 -11.62 -0.17 28.50
C ALA C 180 -10.91 -1.36 29.12
N LEU C 181 -11.46 -1.82 30.24
CA LEU C 181 -11.07 -3.07 30.89
C LEU C 181 -12.27 -3.99 30.86
N TRP C 182 -12.24 -4.99 29.99
CA TRP C 182 -13.35 -5.92 29.82
C TRP C 182 -13.23 -7.09 30.78
N ASP C 183 -14.38 -7.52 31.30
CA ASP C 183 -14.52 -8.84 31.90
C ASP C 183 -15.13 -9.78 30.87
N ILE C 184 -14.50 -10.95 30.69
CA ILE C 184 -14.96 -11.89 29.68
C ILE C 184 -16.19 -12.65 30.16
N GLU C 185 -16.28 -12.94 31.46
CA GLU C 185 -17.40 -13.72 31.99
C GLU C 185 -18.70 -12.92 31.98
N THR C 186 -18.70 -11.75 32.62
CA THR C 186 -19.90 -10.92 32.65
C THR C 186 -20.15 -10.22 31.32
N GLY C 187 -19.13 -10.02 30.51
CA GLY C 187 -19.30 -9.37 29.22
C GLY C 187 -19.49 -7.87 29.27
N GLN C 188 -19.08 -7.23 30.37
CA GLN C 188 -19.24 -5.79 30.54
C GLN C 188 -17.88 -5.13 30.75
N GLN C 189 -17.90 -3.81 30.81
CA GLN C 189 -16.69 -3.02 31.03
C GLN C 189 -16.48 -2.81 32.52
N THR C 190 -15.34 -3.26 33.03
CA THR C 190 -15.01 -3.01 34.44
C THR C 190 -14.52 -1.58 34.63
N THR C 191 -13.40 -1.23 34.00
CA THR C 191 -12.78 0.07 34.14
C THR C 191 -12.65 0.72 32.77
N THR C 192 -12.99 2.00 32.69
CA THR C 192 -12.89 2.76 31.45
C THR C 192 -11.89 3.90 31.61
N PHE C 193 -10.98 4.03 30.65
CA PHE C 193 -9.93 5.05 30.67
C PHE C 193 -10.25 6.08 29.59
N THR C 194 -10.51 7.32 30.00
CA THR C 194 -10.94 8.38 29.09
C THR C 194 -10.03 9.60 29.17
N GLY C 195 -8.73 9.37 29.25
CA GLY C 195 -7.78 10.47 29.36
C GLY C 195 -7.30 11.04 28.03
N HIS C 196 -7.19 10.18 27.02
CA HIS C 196 -6.64 10.58 25.74
C HIS C 196 -7.56 11.54 24.99
N THR C 197 -6.94 12.35 24.12
CA THR C 197 -7.66 13.26 23.24
C THR C 197 -7.60 12.86 21.78
N GLY C 198 -6.54 12.19 21.34
CA GLY C 198 -6.45 11.66 20.00
C GLY C 198 -6.76 10.17 19.95
N ASP C 199 -6.76 9.65 18.71
CA ASP C 199 -7.09 8.25 18.47
C ASP C 199 -6.02 7.34 19.06
N VAL C 200 -6.41 6.45 19.95
CA VAL C 200 -5.45 5.61 20.67
C VAL C 200 -5.06 4.45 19.77
N MET C 201 -3.78 4.37 19.43
CA MET C 201 -3.31 3.44 18.41
C MET C 201 -3.01 2.04 18.94
N SER C 202 -2.12 1.93 19.92
CA SER C 202 -1.81 0.61 20.47
C SER C 202 -1.50 0.70 21.95
N LEU C 203 -1.60 -0.44 22.62
CA LEU C 203 -1.28 -0.57 24.03
C LEU C 203 -0.30 -1.71 24.19
N SER C 204 0.53 -1.60 25.24
CA SER C 204 1.56 -2.60 25.53
C SER C 204 1.49 -2.93 27.01
N LEU C 205 1.18 -4.18 27.33
CA LEU C 205 1.02 -4.58 28.72
C LEU C 205 2.39 -4.74 29.36
N ALA C 206 2.45 -4.42 30.65
CA ALA C 206 3.67 -4.61 31.42
C ALA C 206 3.88 -6.10 31.71
N PRO C 207 5.13 -6.51 31.94
CA PRO C 207 5.37 -7.90 32.40
C PRO C 207 4.76 -8.20 33.76
N ASP C 208 4.56 -7.20 34.61
CA ASP C 208 3.88 -7.41 35.88
C ASP C 208 2.36 -7.44 35.70
N THR C 209 1.87 -6.96 34.56
CA THR C 209 0.43 -6.86 34.20
C THR C 209 -0.37 -6.05 35.22
N ARG C 210 0.28 -5.08 35.86
CA ARG C 210 -0.40 -4.11 36.71
C ARG C 210 -0.60 -2.78 36.02
N LEU C 211 0.35 -2.39 35.17
CA LEU C 211 0.28 -1.16 34.40
C LEU C 211 0.21 -1.50 32.91
N PHE C 212 -0.19 -0.52 32.11
CA PHE C 212 0.11 -0.54 30.69
C PHE C 212 0.33 0.88 30.21
N VAL C 213 0.82 1.00 28.98
CA VAL C 213 1.02 2.28 28.32
C VAL C 213 0.30 2.24 26.98
N SER C 214 -0.33 3.36 26.62
CA SER C 214 -0.94 3.51 25.30
C SER C 214 -0.42 4.77 24.63
N GLY C 215 -0.07 4.64 23.34
CA GLY C 215 0.26 5.78 22.52
C GLY C 215 -0.91 6.15 21.63
N ALA C 216 -1.40 7.37 21.79
CA ALA C 216 -2.48 7.88 20.96
C ALA C 216 -1.94 8.72 19.80
N CYS C 217 -2.85 9.37 19.08
CA CYS C 217 -2.50 10.27 17.99
C CYS C 217 -2.38 11.72 18.43
N ASP C 218 -2.34 11.98 19.74
CA ASP C 218 -2.13 13.33 20.24
C ASP C 218 -0.69 13.61 20.64
N ALA C 219 0.24 12.74 20.20
CA ALA C 219 1.67 12.81 20.52
C ALA C 219 1.93 12.82 22.03
N SER C 220 1.17 11.99 22.75
CA SER C 220 1.35 11.91 24.20
C SER C 220 1.09 10.48 24.66
N ALA C 221 2.09 9.86 25.26
CA ALA C 221 1.94 8.53 25.84
C ALA C 221 1.61 8.65 27.32
N LYS C 222 0.67 7.81 27.76
CA LYS C 222 0.17 7.81 29.13
C LYS C 222 0.54 6.49 29.82
N LEU C 223 0.61 6.55 31.15
CA LEU C 223 0.90 5.39 31.98
C LEU C 223 -0.33 5.11 32.83
N TRP C 224 -0.99 3.99 32.57
CA TRP C 224 -2.31 3.72 33.13
C TRP C 224 -2.21 2.64 34.20
N ASP C 225 -2.85 2.88 35.34
CA ASP C 225 -3.01 1.85 36.36
C ASP C 225 -4.31 1.11 36.10
N VAL C 226 -4.23 -0.23 36.05
CA VAL C 226 -5.41 -1.03 35.76
C VAL C 226 -6.36 -1.06 36.95
N ARG C 227 -5.82 -1.26 38.15
CA ARG C 227 -6.65 -1.43 39.33
C ARG C 227 -7.19 -0.11 39.86
N GLU C 228 -6.44 0.98 39.72
CA GLU C 228 -6.91 2.28 40.20
C GLU C 228 -7.86 2.92 39.20
N GLY C 229 -7.48 2.99 37.94
CA GLY C 229 -8.34 3.54 36.91
C GLY C 229 -8.00 4.93 36.42
N MET C 230 -6.80 5.43 36.70
CA MET C 230 -6.40 6.76 36.27
C MET C 230 -4.96 6.73 35.80
N CYS C 231 -4.62 7.65 34.90
CA CYS C 231 -3.25 7.76 34.42
C CYS C 231 -2.37 8.40 35.49
N ARG C 232 -1.11 7.96 35.53
CA ARG C 232 -0.12 8.52 36.43
C ARG C 232 0.82 9.52 35.76
N GLN C 233 1.27 9.26 34.53
CA GLN C 233 2.30 10.09 33.92
C GLN C 233 1.93 10.40 32.46
N THR C 234 2.41 11.56 32.00
CA THR C 234 2.23 12.00 30.63
C THR C 234 3.59 12.30 30.01
N PHE C 235 3.83 11.77 28.80
CA PHE C 235 5.08 11.96 28.09
C PHE C 235 4.81 12.71 26.79
N THR C 236 5.43 13.88 26.63
CA THR C 236 5.13 14.79 25.53
C THR C 236 6.39 15.12 24.74
N GLY C 237 7.13 14.08 24.35
CA GLY C 237 8.36 14.28 23.61
C GLY C 237 8.23 14.22 22.10
N HIS C 238 7.16 13.63 21.59
CA HIS C 238 7.02 13.41 20.16
C HIS C 238 6.50 14.64 19.43
N GLU C 239 6.38 14.50 18.11
CA GLU C 239 5.93 15.56 17.23
C GLU C 239 4.76 15.14 16.35
N SER C 240 4.43 13.86 16.29
CA SER C 240 3.40 13.36 15.38
C SER C 240 2.69 12.18 16.04
N ASP C 241 1.95 11.42 15.23
CA ASP C 241 1.11 10.34 15.73
C ASP C 241 1.96 9.18 16.22
N ILE C 242 1.79 8.80 17.48
CA ILE C 242 2.51 7.67 18.07
C ILE C 242 1.83 6.39 17.62
N ASN C 243 2.53 5.57 16.83
CA ASN C 243 1.92 4.42 16.18
C ASN C 243 1.93 3.16 17.05
N ALA C 244 3.11 2.75 17.52
CA ALA C 244 3.21 1.58 18.38
C ALA C 244 4.09 1.87 19.59
N ILE C 245 3.79 1.15 20.67
CA ILE C 245 4.48 1.32 21.95
C ILE C 245 4.84 -0.07 22.50
N CYS C 246 6.00 -0.17 23.15
CA CYS C 246 6.47 -1.43 23.70
C CYS C 246 7.32 -1.18 24.94
N PHE C 247 7.08 -1.97 25.99
CA PHE C 247 7.88 -1.86 27.21
C PHE C 247 9.28 -2.43 27.04
N PHE C 248 10.22 -1.82 27.75
CA PHE C 248 11.51 -2.44 28.02
C PHE C 248 11.28 -3.62 28.95
N PRO C 249 12.06 -4.70 28.83
CA PRO C 249 11.76 -5.94 29.58
C PRO C 249 11.82 -5.85 31.11
N ASN C 250 12.32 -4.77 31.71
CA ASN C 250 12.26 -4.68 33.16
C ASN C 250 11.00 -4.00 33.67
N GLY C 251 10.21 -3.37 32.80
CA GLY C 251 9.02 -2.68 33.21
C GLY C 251 9.23 -1.28 33.73
N ASN C 252 10.40 -0.69 33.51
CA ASN C 252 10.71 0.66 33.96
C ASN C 252 10.93 1.63 32.82
N ALA C 253 10.72 1.20 31.57
CA ALA C 253 10.94 2.05 30.41
C ALA C 253 10.12 1.50 29.24
N PHE C 254 9.83 2.37 28.29
CA PHE C 254 9.18 1.94 27.06
C PHE C 254 9.75 2.70 25.87
N ALA C 255 9.56 2.13 24.68
CA ALA C 255 9.93 2.76 23.43
C ALA C 255 8.68 3.02 22.59
N THR C 256 8.77 4.04 21.74
CA THR C 256 7.64 4.52 20.95
C THR C 256 8.09 4.84 19.53
N GLY C 257 7.25 4.53 18.56
CA GLY C 257 7.51 4.84 17.17
C GLY C 257 6.45 5.79 16.66
N SER C 258 6.87 6.80 15.90
CA SER C 258 5.96 7.83 15.40
C SER C 258 6.13 7.98 13.89
N ASP C 259 5.40 8.93 13.33
CA ASP C 259 5.42 9.19 11.90
C ASP C 259 6.56 10.11 11.46
N ASP C 260 7.23 10.77 12.41
CA ASP C 260 8.33 11.68 12.09
C ASP C 260 9.68 10.98 12.02
N ALA C 261 9.69 9.65 11.82
CA ALA C 261 10.87 8.81 11.61
C ALA C 261 11.83 8.82 12.81
N THR C 262 11.32 9.10 14.01
CA THR C 262 12.14 9.14 15.22
C THR C 262 11.56 8.18 16.24
N CYS C 263 12.33 7.14 16.57
CA CYS C 263 12.02 6.36 17.76
C CYS C 263 12.53 7.10 18.98
N ARG C 264 11.84 6.92 20.10
CA ARG C 264 12.20 7.60 21.34
C ARG C 264 12.10 6.61 22.50
N LEU C 265 12.97 6.79 23.49
CA LEU C 265 12.98 5.96 24.68
C LEU C 265 12.62 6.84 25.88
N PHE C 266 11.68 6.35 26.69
CA PHE C 266 11.12 7.13 27.79
C PHE C 266 11.34 6.37 29.10
N ASP C 267 11.45 7.13 30.19
CA ASP C 267 11.67 6.57 31.52
C ASP C 267 10.45 6.84 32.39
N LEU C 268 9.98 5.80 33.08
CA LEU C 268 8.86 5.96 34.00
C LEU C 268 9.26 6.68 35.28
N ARG C 269 10.56 6.74 35.60
CA ARG C 269 11.04 7.41 36.80
C ARG C 269 11.48 8.84 36.52
N ALA C 270 12.30 9.05 35.49
CA ALA C 270 12.78 10.39 35.16
C ALA C 270 11.73 11.24 34.48
N ASP C 271 10.70 10.61 33.89
CA ASP C 271 9.52 11.26 33.31
C ASP C 271 9.90 12.18 32.15
N GLN C 272 10.88 11.76 31.36
CA GLN C 272 11.28 12.46 30.16
C GLN C 272 11.97 11.51 29.21
N GLU C 273 12.21 11.97 27.99
CA GLU C 273 12.85 11.15 26.98
C GLU C 273 14.34 11.00 27.26
N LEU C 274 14.83 9.76 27.20
CA LEU C 274 16.26 9.53 27.36
C LEU C 274 17.03 9.72 26.06
N MET C 275 16.57 9.06 24.98
CA MET C 275 17.31 9.04 23.72
C MET C 275 16.32 9.15 22.57
N THR C 276 16.80 9.62 21.43
CA THR C 276 16.02 9.74 20.21
C THR C 276 16.77 9.10 19.05
N TYR C 277 16.07 8.25 18.29
CA TYR C 277 16.67 7.43 17.25
C TYR C 277 16.26 8.01 15.90
N SER C 278 17.12 8.82 15.31
CA SER C 278 16.79 9.52 14.07
C SER C 278 17.95 9.43 13.09
N HIS C 279 17.61 9.36 11.81
CA HIS C 279 18.59 9.35 10.74
C HIS C 279 18.05 10.18 9.58
N ASP C 280 18.94 10.91 8.90
CA ASP C 280 18.51 11.89 7.92
C ASP C 280 18.04 11.26 6.61
N ASN C 281 18.54 10.07 6.28
CA ASN C 281 18.22 9.48 4.97
C ASN C 281 16.80 8.93 4.94
N ILE C 282 16.30 8.44 6.06
CA ILE C 282 14.98 7.81 6.13
C ILE C 282 14.01 8.79 6.79
N ILE C 283 12.97 9.17 6.06
CA ILE C 283 11.93 10.07 6.56
C ILE C 283 10.57 9.41 6.61
N CYS C 284 10.53 8.08 6.48
CA CYS C 284 9.28 7.34 6.48
C CYS C 284 8.85 6.99 7.91
N GLY C 285 7.56 6.69 8.05
CA GLY C 285 6.98 6.43 9.36
C GLY C 285 7.46 5.13 9.99
N ILE C 286 7.06 4.94 11.25
CA ILE C 286 7.49 3.80 12.06
C ILE C 286 6.24 3.05 12.46
N THR C 287 6.09 1.83 11.96
CA THR C 287 4.86 1.07 12.15
C THR C 287 4.82 0.39 13.52
N SER C 288 5.77 -0.51 13.79
CA SER C 288 5.77 -1.27 15.03
C SER C 288 7.19 -1.44 15.56
N VAL C 289 7.34 -1.28 16.87
CA VAL C 289 8.62 -1.42 17.55
C VAL C 289 8.50 -2.52 18.61
N SER C 290 9.44 -3.46 18.58
CA SER C 290 9.59 -4.47 19.64
C SER C 290 11.03 -4.51 20.10
N PHE C 291 11.23 -4.47 21.42
CA PHE C 291 12.53 -4.79 22.00
C PHE C 291 12.91 -6.26 21.78
N SER C 292 14.17 -6.56 22.06
CA SER C 292 14.67 -7.92 22.10
C SER C 292 14.45 -8.50 23.50
N LYS C 293 15.04 -9.66 23.77
CA LYS C 293 14.92 -10.26 25.10
C LYS C 293 15.79 -9.52 26.11
N SER C 294 17.04 -9.21 25.75
CA SER C 294 17.93 -8.49 26.64
C SER C 294 17.60 -7.01 26.71
N GLY C 295 17.11 -6.43 25.61
CA GLY C 295 16.85 -5.01 25.54
C GLY C 295 17.95 -4.20 24.89
N ARG C 296 19.00 -4.84 24.39
CA ARG C 296 20.10 -4.11 23.76
C ARG C 296 19.74 -3.70 22.34
N LEU C 297 19.03 -4.56 21.61
CA LEU C 297 18.61 -4.25 20.25
C LEU C 297 17.19 -3.73 20.26
N LEU C 298 16.98 -2.56 19.67
CA LEU C 298 15.66 -2.05 19.38
C LEU C 298 15.31 -2.31 17.92
N LEU C 299 14.22 -3.02 17.69
CA LEU C 299 13.79 -3.39 16.35
C LEU C 299 12.61 -2.51 15.95
N ALA C 300 12.70 -1.88 14.78
CA ALA C 300 11.71 -0.90 14.35
C ALA C 300 11.27 -1.24 12.94
N GLY C 301 9.98 -1.45 12.75
CA GLY C 301 9.42 -1.67 11.42
C GLY C 301 9.09 -0.36 10.73
N TYR C 302 9.98 0.08 9.85
CA TYR C 302 9.79 1.34 9.15
C TYR C 302 8.84 1.19 7.96
N ASP C 303 8.49 2.33 7.37
CA ASP C 303 7.53 2.40 6.28
C ASP C 303 8.19 2.30 4.91
N ASP C 304 9.53 2.30 4.85
CA ASP C 304 10.25 2.19 3.58
C ASP C 304 10.69 0.76 3.30
N PHE C 305 9.84 -0.20 3.66
CA PHE C 305 9.80 -1.61 3.25
C PHE C 305 10.83 -2.47 3.98
N ASN C 306 11.54 -1.95 4.97
CA ASN C 306 12.57 -2.72 5.66
C ASN C 306 12.61 -2.34 7.14
N CYS C 307 13.32 -3.17 7.90
CA CYS C 307 13.46 -3.00 9.34
C CYS C 307 14.91 -2.66 9.68
N ASN C 308 15.09 -1.67 10.56
CA ASN C 308 16.41 -1.30 11.05
C ASN C 308 16.60 -1.82 12.47
N VAL C 309 17.76 -2.41 12.72
CA VAL C 309 18.09 -2.95 14.03
C VAL C 309 18.90 -1.87 14.74
N TRP C 310 18.20 -0.98 15.44
CA TRP C 310 18.87 0.07 16.20
C TRP C 310 19.52 -0.49 17.46
N ASP C 311 20.58 0.17 17.90
CA ASP C 311 21.22 -0.11 19.18
C ASP C 311 20.57 0.79 20.23
N ALA C 312 20.02 0.17 21.28
CA ALA C 312 19.26 0.92 22.28
C ALA C 312 20.14 1.81 23.16
N LEU C 313 21.44 1.53 23.25
CA LEU C 313 22.34 2.31 24.09
C LEU C 313 23.29 3.20 23.31
N LYS C 314 23.40 3.02 21.99
CA LYS C 314 24.32 3.81 21.19
C LYS C 314 23.67 4.57 20.05
N ALA C 315 22.41 4.25 19.72
CA ALA C 315 21.62 4.92 18.66
C ALA C 315 22.29 4.84 17.29
N ASP C 316 22.78 3.65 16.95
CA ASP C 316 23.41 3.39 15.66
C ASP C 316 22.86 2.09 15.12
N ARG C 317 22.53 2.08 13.83
CA ARG C 317 21.91 0.91 13.20
C ARG C 317 22.92 -0.24 13.08
N ALA C 318 22.66 -1.32 13.80
CA ALA C 318 23.39 -2.58 13.59
C ALA C 318 23.27 -3.07 12.16
N GLY C 319 22.05 -3.09 11.62
CA GLY C 319 21.78 -3.89 10.45
C GLY C 319 20.35 -3.67 9.99
N VAL C 320 20.08 -4.15 8.77
CA VAL C 320 18.90 -3.74 8.01
C VAL C 320 18.24 -4.98 7.42
N LEU C 321 16.96 -5.18 7.76
CA LEU C 321 16.21 -6.36 7.34
C LEU C 321 15.37 -6.01 6.12
N ALA C 322 16.00 -6.11 4.95
CA ALA C 322 15.35 -5.76 3.67
C ALA C 322 14.94 -7.05 2.97
N GLY C 323 13.76 -7.56 3.31
CA GLY C 323 13.25 -8.78 2.71
C GLY C 323 11.83 -8.70 2.22
N HIS C 324 11.13 -7.62 2.56
CA HIS C 324 9.72 -7.46 2.24
C HIS C 324 9.52 -6.63 0.98
N ASP C 325 8.37 -6.83 0.34
CA ASP C 325 8.00 -6.10 -0.86
C ASP C 325 7.16 -4.86 -0.56
N ASN C 326 6.36 -4.90 0.50
CA ASN C 326 5.54 -3.78 0.92
C ASN C 326 5.87 -3.49 2.38
N ARG C 327 5.19 -2.48 2.95
CA ARG C 327 5.59 -1.92 4.24
C ARG C 327 5.38 -2.91 5.38
N VAL C 328 6.37 -2.99 6.27
CA VAL C 328 6.36 -3.93 7.38
C VAL C 328 5.31 -3.47 8.38
N SER C 329 4.17 -4.16 8.40
CA SER C 329 3.00 -3.68 9.14
C SER C 329 3.12 -3.93 10.64
N CYS C 330 3.83 -4.97 11.04
CA CYS C 330 3.94 -5.33 12.45
C CYS C 330 5.14 -6.24 12.64
N LEU C 331 5.64 -6.26 13.88
CA LEU C 331 6.93 -6.84 14.21
C LEU C 331 6.79 -7.50 15.57
N GLY C 332 7.22 -8.77 15.67
CA GLY C 332 7.10 -9.50 16.91
C GLY C 332 8.39 -10.23 17.25
N VAL C 333 8.57 -10.47 18.54
CA VAL C 333 9.74 -11.15 19.09
C VAL C 333 9.24 -12.19 20.09
N THR C 334 9.79 -13.40 20.01
CA THR C 334 9.43 -14.47 20.93
C THR C 334 9.86 -14.15 22.36
N ASP C 335 9.28 -14.89 23.31
CA ASP C 335 9.57 -14.65 24.72
C ASP C 335 10.97 -15.13 25.12
N ASP C 336 11.53 -16.09 24.39
CA ASP C 336 12.92 -16.48 24.59
C ASP C 336 13.88 -15.78 23.64
N GLY C 337 13.38 -14.90 22.78
CA GLY C 337 14.22 -14.14 21.88
C GLY C 337 14.88 -14.94 20.78
N MET C 338 14.27 -16.06 20.38
CA MET C 338 14.91 -16.96 19.45
C MET C 338 14.77 -16.51 18.00
N ALA C 339 13.65 -15.91 17.64
CA ALA C 339 13.44 -15.46 16.27
C ALA C 339 12.57 -14.21 16.28
N VAL C 340 12.55 -13.52 15.13
CA VAL C 340 11.81 -12.29 14.96
C VAL C 340 10.97 -12.40 13.70
N ALA C 341 9.66 -12.29 13.83
CA ALA C 341 8.73 -12.43 12.72
C ALA C 341 8.20 -11.05 12.36
N THR C 342 8.20 -10.74 11.08
CA THR C 342 7.64 -9.49 10.58
C THR C 342 6.59 -9.83 9.54
N GLY C 343 5.46 -9.13 9.62
CA GLY C 343 4.44 -9.26 8.60
C GLY C 343 4.24 -7.96 7.87
N SER C 344 4.28 -8.02 6.54
CA SER C 344 4.10 -6.86 5.69
C SER C 344 2.83 -7.01 4.87
N TRP C 345 2.55 -5.98 4.07
CA TRP C 345 1.34 -5.93 3.27
C TRP C 345 1.45 -6.64 1.92
N ASP C 346 2.46 -7.51 1.75
CA ASP C 346 2.53 -8.38 0.58
C ASP C 346 2.05 -9.79 0.89
N SER C 347 1.40 -9.99 2.05
CA SER C 347 0.73 -11.20 2.51
C SER C 347 1.69 -12.34 2.85
N PHE C 348 2.93 -12.04 3.21
CA PHE C 348 3.87 -13.09 3.61
C PHE C 348 4.51 -12.75 4.95
N LEU C 349 4.70 -13.77 5.77
CA LEU C 349 5.28 -13.65 7.11
C LEU C 349 6.71 -14.18 7.09
N LYS C 350 7.69 -13.28 7.14
CA LYS C 350 9.08 -13.68 7.15
C LYS C 350 9.51 -13.87 8.60
N ILE C 351 10.16 -14.99 8.89
CA ILE C 351 10.78 -15.23 10.19
C ILE C 351 12.28 -14.99 10.08
N TRP C 352 12.78 -14.01 10.82
CA TRP C 352 14.17 -13.59 10.76
C TRP C 352 14.90 -14.06 12.01
N ASN C 353 16.11 -14.58 11.83
CA ASN C 353 16.93 -14.98 12.97
C ASN C 353 18.37 -14.50 12.75
N THR D 5 -21.21 24.86 29.41
CA THR D 5 -20.41 24.55 30.60
C THR D 5 -19.63 23.26 30.42
N ALA D 6 -19.54 22.79 29.17
CA ALA D 6 -18.80 21.57 28.89
C ALA D 6 -17.31 21.82 28.75
N SER D 7 -16.92 22.98 28.19
CA SER D 7 -15.51 23.30 28.04
C SER D 7 -14.85 23.64 29.36
N ILE D 8 -15.61 24.18 30.32
CA ILE D 8 -15.05 24.44 31.65
C ILE D 8 -15.10 23.23 32.55
N ALA D 9 -15.85 22.19 32.19
CA ALA D 9 -15.83 20.93 32.92
C ALA D 9 -14.78 19.96 32.39
N GLN D 10 -14.19 20.25 31.23
CA GLN D 10 -13.03 19.52 30.75
C GLN D 10 -11.72 20.22 31.05
N ALA D 11 -11.73 21.56 31.07
CA ALA D 11 -10.61 22.32 31.60
C ALA D 11 -10.33 21.98 33.05
N ARG D 12 -11.40 21.88 33.86
CA ARG D 12 -11.27 21.57 35.29
C ARG D 12 -10.63 20.20 35.52
N LYS D 13 -10.95 19.23 34.67
CA LYS D 13 -10.39 17.90 34.82
C LYS D 13 -8.92 17.86 34.39
N LEU D 14 -8.53 18.69 33.43
CA LEU D 14 -7.12 18.81 33.05
C LEU D 14 -6.29 19.41 34.18
N VAL D 15 -6.80 20.47 34.84
CA VAL D 15 -6.15 21.07 35.99
C VAL D 15 -5.93 20.04 37.10
N GLU D 16 -6.99 19.30 37.45
CA GLU D 16 -6.91 18.28 38.49
C GLU D 16 -5.94 17.16 38.12
N GLN D 17 -5.96 16.75 36.84
CA GLN D 17 -4.97 15.82 36.29
C GLN D 17 -3.54 16.29 36.53
N LEU D 18 -3.22 17.49 36.04
CA LEU D 18 -1.86 18.03 36.14
C LEU D 18 -1.40 18.27 37.58
N LYS D 19 -2.32 18.40 38.53
CA LYS D 19 -1.93 18.47 39.94
C LYS D 19 -1.44 17.10 40.43
N MET D 20 -2.15 16.04 40.04
CA MET D 20 -1.74 14.68 40.45
C MET D 20 -0.49 14.20 39.72
N GLU D 21 -0.18 14.80 38.57
CA GLU D 21 0.99 14.39 37.80
C GLU D 21 2.25 15.15 38.18
N ALA D 22 2.11 16.42 38.55
CA ALA D 22 3.21 17.19 39.14
C ALA D 22 3.73 16.54 40.41
N ASN D 23 2.83 16.15 41.31
CA ASN D 23 3.21 15.64 42.64
C ASN D 23 3.53 14.15 42.55
N ILE D 24 4.66 13.85 41.91
CA ILE D 24 5.21 12.50 41.85
C ILE D 24 6.70 12.58 42.15
N ASP D 25 7.24 11.44 42.61
CA ASP D 25 8.67 11.33 42.81
C ASP D 25 9.39 11.15 41.47
N ARG D 26 10.58 11.72 41.37
CA ARG D 26 11.36 11.69 40.13
C ARG D 26 12.79 11.29 40.44
N ILE D 27 13.20 10.13 39.92
CA ILE D 27 14.57 9.66 40.05
C ILE D 27 15.43 10.38 39.03
N LYS D 28 16.69 10.65 39.39
CA LYS D 28 17.63 11.32 38.50
C LYS D 28 17.94 10.46 37.28
N VAL D 29 18.46 11.11 36.23
CA VAL D 29 18.67 10.45 34.96
C VAL D 29 19.85 9.48 35.03
N SER D 30 20.89 9.84 35.79
CA SER D 30 22.12 9.07 35.76
C SER D 30 22.02 7.76 36.54
N LYS D 31 21.18 7.72 37.58
CA LYS D 31 20.95 6.48 38.29
C LYS D 31 20.08 5.53 37.48
N ALA D 32 19.02 6.07 36.87
CA ALA D 32 18.18 5.36 35.91
C ALA D 32 18.99 4.73 34.78
N ALA D 33 19.80 5.56 34.10
CA ALA D 33 20.76 5.12 33.08
C ALA D 33 21.57 3.90 33.52
N ALA D 34 22.17 3.97 34.71
CA ALA D 34 23.01 2.89 35.20
C ALA D 34 22.22 1.61 35.44
N ASP D 35 20.94 1.73 35.83
CA ASP D 35 20.08 0.56 35.97
C ASP D 35 19.83 -0.13 34.63
N LEU D 36 19.54 0.65 33.58
CA LEU D 36 19.36 0.11 32.24
C LEU D 36 20.59 -0.64 31.74
N MET D 37 21.77 0.00 31.84
CA MET D 37 23.04 -0.67 31.55
C MET D 37 23.22 -1.96 32.34
N ALA D 38 22.85 -1.94 33.63
CA ALA D 38 22.95 -3.13 34.48
C ALA D 38 22.10 -4.28 33.96
N TYR D 39 20.89 -3.98 33.48
CA TYR D 39 20.00 -5.03 33.00
C TYR D 39 20.41 -5.55 31.63
N CYS D 40 21.03 -4.70 30.81
CA CYS D 40 21.51 -5.14 29.50
C CYS D 40 22.85 -5.86 29.57
N GLU D 41 23.69 -5.52 30.56
CA GLU D 41 24.95 -6.23 30.74
C GLU D 41 24.75 -7.63 31.30
N ALA D 42 23.99 -7.74 32.40
CA ALA D 42 23.71 -9.02 33.06
C ALA D 42 23.09 -10.04 32.11
N HIS D 43 22.11 -9.62 31.32
CA HIS D 43 21.38 -10.51 30.42
C HIS D 43 21.89 -10.46 29.00
N ALA D 44 23.17 -10.12 28.81
CA ALA D 44 23.71 -10.00 27.45
C ALA D 44 23.94 -11.36 26.82
N LYS D 45 24.35 -12.34 27.62
CA LYS D 45 24.63 -13.68 27.10
C LYS D 45 23.38 -14.52 26.90
N GLU D 46 22.24 -14.10 27.44
CA GLU D 46 20.99 -14.85 27.32
C GLU D 46 20.15 -14.40 26.13
N ASP D 47 20.68 -13.57 25.25
CA ASP D 47 19.93 -13.06 24.11
C ASP D 47 20.35 -13.82 22.87
N PRO D 48 19.48 -14.60 22.24
CA PRO D 48 19.85 -15.28 20.99
C PRO D 48 19.98 -14.34 19.80
N LEU D 49 19.48 -13.11 19.90
CA LEU D 49 19.61 -12.14 18.82
C LEU D 49 20.92 -11.36 18.90
N LEU D 50 21.38 -11.05 20.11
CA LEU D 50 22.64 -10.32 20.28
C LEU D 50 23.85 -11.24 20.07
N THR D 51 23.80 -12.45 20.65
CA THR D 51 24.85 -13.43 20.51
C THR D 51 24.39 -14.55 19.59
N PRO D 52 25.19 -14.93 18.60
CA PRO D 52 24.77 -15.99 17.67
C PRO D 52 24.65 -17.34 18.35
N VAL D 53 23.78 -18.18 17.79
CA VAL D 53 23.44 -19.48 18.37
C VAL D 53 23.91 -20.57 17.41
N PRO D 54 24.55 -21.63 17.89
CA PRO D 54 24.91 -22.75 17.01
C PRO D 54 23.69 -23.47 16.45
N ALA D 55 23.91 -24.18 15.35
CA ALA D 55 22.81 -24.80 14.61
C ALA D 55 22.17 -25.96 15.38
N SER D 56 22.92 -26.60 16.26
CA SER D 56 22.35 -27.68 17.07
C SER D 56 21.47 -27.14 18.18
N GLU D 57 21.85 -26.00 18.77
CA GLU D 57 21.04 -25.37 19.80
C GLU D 57 19.84 -24.64 19.20
N ASN D 58 19.97 -24.16 17.97
CA ASN D 58 18.90 -23.39 17.33
C ASN D 58 17.78 -24.33 16.90
N PRO D 59 16.55 -24.14 17.37
CA PRO D 59 15.44 -24.99 16.88
C PRO D 59 15.03 -24.68 15.46
N PHE D 60 15.40 -23.52 14.92
CA PHE D 60 15.11 -23.17 13.53
C PHE D 60 16.17 -23.67 12.56
N ARG D 61 17.32 -24.12 13.05
CA ARG D 61 18.33 -24.71 12.18
C ARG D 61 18.65 -26.14 12.61
N GLN E 2 6.77 18.89 23.44
CA GLN E 2 5.33 19.07 23.37
C GLN E 2 4.94 20.01 22.23
N VAL E 3 4.08 19.52 21.34
CA VAL E 3 3.58 20.35 20.25
C VAL E 3 2.65 21.41 20.80
N GLN E 4 2.96 22.68 20.51
CA GLN E 4 2.20 23.79 21.05
C GLN E 4 2.06 24.88 19.99
N LEU E 5 0.86 25.46 19.90
CA LEU E 5 0.58 26.56 19.00
C LEU E 5 -0.05 27.68 19.81
N GLN E 6 0.48 28.90 19.65
CA GLN E 6 0.01 30.05 20.41
C GLN E 6 -0.32 31.17 19.43
N GLU E 7 -1.62 31.44 19.27
CA GLU E 7 -2.07 32.54 18.42
C GLU E 7 -1.95 33.86 19.16
N SER E 8 -1.97 34.95 18.40
CA SER E 8 -1.65 36.26 18.92
C SER E 8 -2.20 37.31 17.97
N GLY E 9 -2.73 38.40 18.52
CA GLY E 9 -3.38 39.42 17.74
C GLY E 9 -4.86 39.15 17.54
N GLY E 10 -5.60 40.23 17.26
CA GLY E 10 -7.03 40.13 17.08
C GLY E 10 -7.80 41.20 17.82
N GLY E 11 -8.88 40.80 18.49
CA GLY E 11 -9.69 41.73 19.25
C GLY E 11 -10.74 42.43 18.40
N LEU E 12 -11.44 43.35 19.04
CA LEU E 12 -12.50 44.10 18.38
C LEU E 12 -11.90 45.09 17.40
N VAL E 13 -12.24 44.93 16.11
CA VAL E 13 -11.73 45.77 15.04
C VAL E 13 -12.90 46.32 14.23
N GLN E 14 -12.57 47.05 13.18
CA GLN E 14 -13.53 47.69 12.29
C GLN E 14 -13.44 47.08 10.89
N PRO E 15 -14.54 47.07 10.14
CA PRO E 15 -14.46 46.55 8.76
C PRO E 15 -13.69 47.48 7.85
N GLY E 16 -12.91 46.88 6.94
CA GLY E 16 -12.04 47.63 6.05
C GLY E 16 -10.66 47.92 6.60
N GLY E 17 -10.41 47.63 7.87
CA GLY E 17 -9.11 47.86 8.48
C GLY E 17 -8.14 46.74 8.19
N SER E 18 -7.00 46.80 8.88
CA SER E 18 -5.95 45.81 8.74
C SER E 18 -5.69 45.12 10.08
N LEU E 19 -5.26 43.86 10.00
CA LEU E 19 -4.95 43.08 11.20
C LEU E 19 -3.93 42.00 10.85
N ARG E 20 -2.90 41.86 11.68
CA ARG E 20 -1.89 40.83 11.54
C ARG E 20 -2.07 39.79 12.63
N LEU E 21 -2.18 38.53 12.25
CA LEU E 21 -2.27 37.42 13.19
C LEU E 21 -0.92 36.74 13.31
N SER E 22 -0.37 36.73 14.53
CA SER E 22 0.91 36.09 14.81
C SER E 22 0.66 34.71 15.40
N CYS E 23 1.37 33.72 14.89
CA CYS E 23 1.25 32.34 15.35
C CYS E 23 2.63 31.84 15.74
N ALA E 24 2.77 31.34 16.97
CA ALA E 24 4.04 30.87 17.49
C ALA E 24 4.00 29.35 17.61
N ALA E 25 4.85 28.67 16.85
CA ALA E 25 4.92 27.21 16.84
C ALA E 25 6.12 26.78 17.67
N SER E 26 5.86 26.12 18.79
CA SER E 26 6.90 25.60 19.67
C SER E 26 6.81 24.09 19.79
N GLY E 27 7.97 23.46 19.96
CA GLY E 27 8.05 22.05 20.30
C GLY E 27 8.27 21.08 19.16
N PHE E 28 8.59 21.57 17.97
CA PHE E 28 8.84 20.69 16.82
C PHE E 28 9.68 21.45 15.80
N THR E 29 10.10 20.72 14.76
CA THR E 29 10.82 21.34 13.66
C THR E 29 9.83 21.96 12.70
N PHE E 30 9.94 23.28 12.51
CA PHE E 30 8.91 24.04 11.82
C PHE E 30 8.94 23.87 10.31
N SER E 31 10.12 23.61 9.73
CA SER E 31 10.25 23.56 8.28
C SER E 31 9.77 22.24 7.68
N ASN E 32 9.62 21.19 8.48
CA ASN E 32 9.25 19.89 7.92
C ASN E 32 7.76 19.77 7.63
N TYR E 33 6.92 20.52 8.33
CA TYR E 33 5.48 20.28 8.32
C TYR E 33 4.75 21.34 7.50
N LYS E 34 3.83 20.88 6.66
CA LYS E 34 2.87 21.78 6.04
C LYS E 34 1.94 22.35 7.10
N MET E 35 1.62 23.63 6.97
CA MET E 35 0.79 24.31 7.97
C MET E 35 -0.25 25.14 7.23
N ASN E 36 -1.33 25.47 7.93
CA ASN E 36 -2.54 26.00 7.31
C ASN E 36 -3.41 26.66 8.37
N TRP E 37 -4.40 27.43 7.90
CA TRP E 37 -5.28 28.21 8.76
C TRP E 37 -6.72 27.73 8.66
N VAL E 38 -7.40 27.71 9.81
CA VAL E 38 -8.71 27.10 9.99
C VAL E 38 -9.49 28.00 10.96
N ARG E 39 -10.74 28.30 10.63
CA ARG E 39 -11.53 29.23 11.44
C ARG E 39 -12.91 28.63 11.73
N GLN E 40 -13.58 29.21 12.72
CA GLN E 40 -14.83 28.67 13.24
C GLN E 40 -15.80 29.82 13.49
N ALA E 41 -16.84 29.90 12.68
CA ALA E 41 -17.84 30.96 12.85
C ALA E 41 -18.73 30.63 14.05
N PRO E 42 -19.32 31.64 14.68
CA PRO E 42 -20.26 31.38 15.79
C PRO E 42 -21.53 30.68 15.30
N GLY E 43 -21.84 29.55 15.93
CA GLY E 43 -22.98 28.75 15.52
C GLY E 43 -22.81 28.05 14.19
N LYS E 44 -21.57 27.83 13.75
CA LYS E 44 -21.28 27.15 12.50
C LYS E 44 -20.10 26.21 12.72
N GLY E 45 -19.65 25.57 11.64
CA GLY E 45 -18.58 24.60 11.69
C GLY E 45 -17.23 25.19 11.27
N LEU E 46 -16.22 24.32 11.34
CA LEU E 46 -14.87 24.69 10.93
C LEU E 46 -14.75 24.77 9.42
N GLU E 47 -14.00 25.75 8.94
CA GLU E 47 -13.77 25.88 7.50
C GLU E 47 -12.30 26.20 7.23
N TRP E 48 -11.75 25.54 6.22
CA TRP E 48 -10.36 25.67 5.80
C TRP E 48 -10.13 27.03 5.14
N VAL E 49 -9.44 27.94 5.82
CA VAL E 49 -9.08 29.23 5.24
C VAL E 49 -8.09 29.13 4.09
N SER E 50 -6.86 28.68 4.38
CA SER E 50 -5.77 28.72 3.41
C SER E 50 -4.58 27.94 3.98
N ASP E 51 -3.57 27.75 3.13
CA ASP E 51 -2.47 26.82 3.40
C ASP E 51 -1.17 27.37 2.84
N ILE E 52 -0.08 26.70 3.18
CA ILE E 52 1.25 27.03 2.67
C ILE E 52 2.13 25.79 2.88
N SER E 53 3.02 25.54 1.93
CA SER E 53 3.83 24.33 1.92
C SER E 53 5.05 24.51 2.83
N GLN E 54 5.99 23.56 2.74
CA GLN E 54 7.21 23.63 3.54
C GLN E 54 8.11 24.77 3.07
N SER E 55 8.45 24.78 1.78
CA SER E 55 9.26 25.86 1.23
C SER E 55 8.48 27.15 1.08
N GLY E 56 7.16 27.08 0.95
CA GLY E 56 6.33 28.26 0.79
C GLY E 56 5.97 28.61 -0.63
N ALA E 57 6.17 27.69 -1.58
CA ALA E 57 5.88 27.99 -2.99
C ALA E 57 4.40 27.85 -3.28
N SER E 58 3.82 26.69 -2.99
CA SER E 58 2.42 26.42 -3.32
C SER E 58 1.51 27.07 -2.28
N ILE E 59 0.67 27.99 -2.72
CA ILE E 59 -0.26 28.71 -1.85
C ILE E 59 -1.63 28.68 -2.50
N SER E 60 -2.63 28.19 -1.78
CA SER E 60 -4.01 28.16 -2.25
C SER E 60 -4.92 28.78 -1.21
N TYR E 61 -6.09 29.22 -1.66
CA TYR E 61 -7.02 29.94 -0.81
C TYR E 61 -8.42 29.36 -0.94
N THR E 62 -9.29 29.75 -0.01
CA THR E 62 -10.72 29.53 -0.12
C THR E 62 -11.27 30.58 -1.09
N GLY E 63 -12.29 30.18 -1.86
CA GLY E 63 -12.82 31.04 -2.92
C GLY E 63 -13.43 32.32 -2.39
N SER E 64 -14.29 32.22 -1.37
CA SER E 64 -15.08 33.35 -0.90
C SER E 64 -14.25 34.41 -0.15
N VAL E 65 -12.97 34.14 0.10
CA VAL E 65 -12.08 35.09 0.77
C VAL E 65 -10.77 35.19 -0.01
N LYS E 66 -10.80 34.77 -1.28
CA LYS E 66 -9.60 34.78 -2.10
C LYS E 66 -9.19 36.20 -2.47
N GLY E 67 -7.89 36.44 -2.51
CA GLY E 67 -7.36 37.76 -2.83
C GLY E 67 -7.46 38.77 -1.71
N ARG E 68 -7.73 38.34 -0.48
CA ARG E 68 -7.92 39.23 0.64
C ARG E 68 -7.01 38.93 1.83
N PHE E 69 -6.17 37.91 1.73
CA PHE E 69 -5.35 37.49 2.86
C PHE E 69 -3.97 37.08 2.39
N THR E 70 -2.93 37.58 3.07
CA THR E 70 -1.55 37.23 2.78
C THR E 70 -1.06 36.26 3.86
N ILE E 71 -0.40 35.19 3.45
CA ILE E 71 0.13 34.19 4.38
C ILE E 71 1.65 34.15 4.26
N SER E 72 2.32 34.69 5.27
CA SER E 72 3.77 34.66 5.37
C SER E 72 4.19 33.55 6.33
N ARG E 73 5.16 32.74 5.91
CA ARG E 73 5.68 31.63 6.72
C ARG E 73 7.20 31.78 6.81
N ASP E 74 7.67 32.38 7.90
CA ASP E 74 9.10 32.49 8.17
C ASP E 74 9.63 31.22 8.80
N ASN E 75 10.68 30.65 8.21
CA ASN E 75 11.27 29.43 8.75
C ASN E 75 12.25 29.73 9.88
N ALA E 76 13.07 30.77 9.73
CA ALA E 76 14.07 31.10 10.75
C ALA E 76 13.41 31.70 11.99
N LYS E 77 12.45 32.60 11.79
CA LYS E 77 11.76 33.24 12.89
C LYS E 77 10.84 32.28 13.66
N ASN E 78 10.43 31.18 13.00
CA ASN E 78 9.51 30.17 13.54
C ASN E 78 8.18 30.82 13.93
N THR E 79 7.59 31.53 12.97
CA THR E 79 6.35 32.26 13.15
C THR E 79 5.54 32.17 11.87
N LEU E 80 4.22 32.16 12.00
CA LEU E 80 3.30 32.10 10.87
C LEU E 80 2.43 33.35 10.92
N TYR E 81 2.59 34.22 9.92
CA TYR E 81 1.85 35.48 9.86
C TYR E 81 0.69 35.37 8.90
N LEU E 82 -0.43 35.99 9.27
CA LEU E 82 -1.60 36.13 8.40
C LEU E 82 -2.01 37.60 8.37
N GLN E 83 -1.98 38.20 7.18
CA GLN E 83 -2.36 39.59 7.01
C GLN E 83 -3.82 39.68 6.60
N MET E 84 -4.61 40.45 7.34
CA MET E 84 -6.06 40.51 7.16
C MET E 84 -6.43 41.96 6.83
N ASN E 85 -6.47 42.29 5.55
CA ASN E 85 -6.95 43.59 5.09
C ASN E 85 -8.31 43.45 4.42
N SER E 86 -9.02 44.59 4.35
CA SER E 86 -10.36 44.72 3.76
C SER E 86 -11.35 43.76 4.43
N LEU E 87 -11.51 43.94 5.73
CA LEU E 87 -12.33 43.04 6.53
C LEU E 87 -13.82 43.27 6.25
N LYS E 88 -14.61 42.24 6.56
CA LYS E 88 -16.05 42.21 6.35
C LYS E 88 -16.75 41.90 7.67
N PRO E 89 -17.89 42.54 7.94
CA PRO E 89 -18.62 42.24 9.19
C PRO E 89 -19.19 40.83 9.25
N GLU E 90 -19.46 40.21 8.10
CA GLU E 90 -19.92 38.83 8.09
C GLU E 90 -18.79 37.84 8.32
N ASP E 91 -17.54 38.25 8.09
CA ASP E 91 -16.38 37.39 8.26
C ASP E 91 -15.74 37.63 9.63
N THR E 92 -16.46 37.22 10.67
CA THR E 92 -15.97 37.28 12.03
C THR E 92 -16.04 35.89 12.67
N ALA E 93 -14.92 35.45 13.24
CA ALA E 93 -14.79 34.09 13.73
C ALA E 93 -13.59 34.02 14.68
N VAL E 94 -13.29 32.81 15.13
CA VAL E 94 -12.10 32.49 15.92
C VAL E 94 -11.12 31.82 14.98
N TYR E 95 -9.85 32.20 15.04
CA TYR E 95 -8.84 31.68 14.12
C TYR E 95 -7.90 30.75 14.85
N TYR E 96 -7.83 29.51 14.38
CA TYR E 96 -7.00 28.47 14.96
C TYR E 96 -5.87 28.14 14.00
N CYS E 97 -4.63 28.18 14.49
CA CYS E 97 -3.52 27.60 13.74
C CYS E 97 -3.67 26.08 13.72
N ALA E 98 -3.47 25.48 12.55
CA ALA E 98 -3.59 24.04 12.38
C ALA E 98 -2.33 23.50 11.72
N ARG E 99 -1.95 22.28 12.08
CA ARG E 99 -0.78 21.64 11.50
C ARG E 99 -1.15 20.26 11.00
N CYS E 100 -0.72 19.95 9.78
CA CYS E 100 -0.92 18.62 9.23
C CYS E 100 -0.05 17.61 9.98
N PRO E 101 -0.57 16.42 10.28
CA PRO E 101 0.09 15.57 11.28
C PRO E 101 1.34 14.86 10.79
N ALA E 102 1.57 14.77 9.48
CA ALA E 102 2.72 14.01 9.01
C ALA E 102 3.72 14.93 8.32
N PRO E 103 5.02 14.64 8.43
CA PRO E 103 6.01 15.43 7.70
C PRO E 103 6.21 14.93 6.28
N PHE E 104 6.59 15.88 5.41
CA PHE E 104 6.95 15.64 4.00
C PHE E 104 5.81 15.00 3.22
N THR E 105 4.59 15.49 3.45
CA THR E 105 3.40 14.92 2.82
C THR E 105 2.52 16.04 2.29
N ARG E 106 1.52 15.66 1.51
CA ARG E 106 0.58 16.61 0.92
C ARG E 106 -0.87 16.32 1.26
N ASP E 107 -1.12 15.39 2.19
CA ASP E 107 -2.47 15.11 2.66
C ASP E 107 -2.65 15.64 4.07
N CYS E 108 -3.83 16.20 4.35
CA CYS E 108 -4.10 16.84 5.62
C CYS E 108 -5.52 16.53 6.07
N PHE E 109 -5.66 16.17 7.34
CA PHE E 109 -6.96 15.89 7.97
C PHE E 109 -7.03 16.69 9.26
N ASP E 110 -7.47 17.95 9.17
CA ASP E 110 -7.45 18.84 10.33
C ASP E 110 -8.72 19.66 10.47
N VAL E 111 -9.81 19.28 9.79
CA VAL E 111 -11.08 19.99 9.92
C VAL E 111 -11.94 19.36 11.03
N THR E 112 -11.41 18.38 11.74
CA THR E 112 -12.15 17.69 12.79
C THR E 112 -12.38 18.61 13.98
N SER E 113 -13.65 18.77 14.36
CA SER E 113 -14.01 19.55 15.54
C SER E 113 -13.99 18.74 16.82
N THR E 114 -14.04 17.40 16.73
CA THR E 114 -14.06 16.54 17.91
C THR E 114 -12.61 16.34 18.40
N THR E 115 -12.09 17.42 19.01
CA THR E 115 -10.81 17.47 19.73
C THR E 115 -9.63 17.07 18.83
N TYR E 116 -9.41 17.91 17.82
CA TYR E 116 -8.18 17.81 17.05
C TYR E 116 -7.03 18.37 17.89
N ALA E 117 -6.00 17.55 18.09
CA ALA E 117 -4.98 17.82 19.11
C ALA E 117 -3.68 18.36 18.55
N TYR E 118 -3.70 18.95 17.36
CA TYR E 118 -2.54 19.63 16.81
C TYR E 118 -2.86 21.08 16.46
N ARG E 119 -3.79 21.69 17.20
CA ARG E 119 -4.17 23.07 17.00
C ARG E 119 -3.96 23.88 18.28
N GLY E 120 -3.95 25.19 18.13
CA GLY E 120 -3.83 26.09 19.25
C GLY E 120 -5.17 26.41 19.89
N GLN E 121 -5.13 27.29 20.89
CA GLN E 121 -6.34 27.68 21.59
C GLN E 121 -7.15 28.73 20.84
N GLY E 122 -6.57 29.38 19.85
CA GLY E 122 -7.28 30.32 19.02
C GLY E 122 -7.35 31.72 19.62
N THR E 123 -7.69 32.67 18.75
CA THR E 123 -7.84 34.07 19.15
C THR E 123 -9.19 34.61 18.66
N GLN E 124 -9.87 35.33 19.54
CA GLN E 124 -11.16 35.92 19.19
C GLN E 124 -10.96 37.17 18.36
N VAL E 125 -11.57 37.20 17.17
CA VAL E 125 -11.46 38.32 16.24
C VAL E 125 -12.88 38.75 15.90
N THR E 126 -13.30 39.88 16.45
CA THR E 126 -14.65 40.40 16.27
C THR E 126 -14.60 41.62 15.36
N VAL E 127 -15.52 41.69 14.40
CA VAL E 127 -15.69 42.86 13.55
C VAL E 127 -17.06 43.47 13.85
N SER E 128 -17.06 44.74 14.27
CA SER E 128 -18.27 45.47 14.57
C SER E 128 -18.41 46.63 13.58
N SER E 129 -19.53 46.66 12.87
CA SER E 129 -19.79 47.72 11.90
C SER E 129 -20.40 48.94 12.58
#